data_6LFO
#
_entry.id   6LFO
#
_cell.length_a   1.00
_cell.length_b   1.00
_cell.length_c   1.00
_cell.angle_alpha   90.00
_cell.angle_beta   90.00
_cell.angle_gamma   90.00
#
_symmetry.space_group_name_H-M   'P 1'
#
loop_
_entity.id
_entity.type
_entity.pdbx_description
1 polymer 'Guanine nucleotide-binding protein G(i) subunit alpha-1'
2 polymer 'Guanine nucleotide-binding protein G(I)/G(S)/G(T) subunit beta-1'
3 polymer 'Guanine nucleotide-binding protein G(I)/G(S)/G(O) subunit gamma-2'
4 polymer Interleukin-8
5 polymer 'C-X-C chemokine receptor type 2'
6 polymer scFv16
7 non-polymer CHOLESTEROL
#
loop_
_entity_poly.entity_id
_entity_poly.type
_entity_poly.pdbx_seq_one_letter_code
_entity_poly.pdbx_strand_id
1 'polypeptide(L)'
;GCTLSAEDKAAVERSKMIDRNLREDGEKAAREVKLLLLGAGESGKSTIVKQMKIIHEAGYSEEECKQYKAVVYSNTIQSI
IAIIRAMGRLKIDFGDSARADDARQLFVLAGAAEEGFMTAELAGVIKRLWKDSGVQACFNRSREYQLNDSAAYYLNDLDR
IAQPNYIPTQQDVLRTRVKTTGIVETHFTFKDLHFKMFDVGGQRSERKKWIHCFEGVTAIIFCVALSDYDLVLAEDEEMN
RMHESMKLFDSICNNKWFTDTSIILFLNKKDLFEEKIKKSPLTICYPEYAGSNTYEEAAAYIQCQFEDLNKRKDTKEIYT
HFTCATDTKNVQFVFDAVTDVIIKNNLKDCGLF
;
A
2 'polypeptide(L)'
;IGRARGFSELDQLRQEAEQLKNQIRDARKACADATLSQITNNIDPVGRIQMRTRRTLRGHLAKIYAMHWGTDSRLLVSAS
QDGKLIIWDSYTTNKVHAIPLRSSWVMTCAYAPSGNYVACGGLDNICSIYNLKTREGNVRVSRELAGHTGYLSCCRFLDD
NQIVTSSGDTTCALWDIETGQQTTTFTGHTGDVMSLSLAPDTRLFVSGACDASAKLWDVREGMCRQTFTGHESDINAICF
FPNGNAFATGSDDATCRLFDLRADQELMTYSHDNIICGITSVSFSKSGRLLLAGYDDFNCNVWDALKADRAGVLAGHDNR
VSCLGVTDDGMAVATGSWDSFLKIWN
;
B
3 'polypeptide(L)' MASNNTASIAQARKLVEQLKMEANIDRIKVSKAAADLMAYCEAHAKEDPLLTPVPASENPFREKKFFCAIL C
4 'polypeptide(L)' SAKELRCQCIKTYSKPFHPKFIKELRVIESGPHCANTEIIVKLSDGRELCLDPKENWVQRVVEKF D
5 'polypeptide(L)'
;MEDFNMESDSFEDFWKGEDLSNYSYSSTLPPFLLDAAPCEPESLEINKYFVVIIYALVFLLSLLGNSLVMLVILYSRVGR
SVTDVYLLNLALADLLFALTLPIWAASKVNGWIFGTFLCKVVSLLKEVNFYSGILLLACISVDRYLAIVHATRTLTQKRY
LVKFICLSIWGLSLLLALPVLLFRRTVYSSNVSPACYEDMGNNTANWRMLLRILPQSFGFIVPLLIMLFCYGFTLRTLFK
AHMGQKHRAMRVIFAVVLIFLLCWLPYNLVLLADTLMRTQVIQETCERRNHIDRALDATEILGILHSCLNPLIYAFIGQK
FRHGLLKILAIHGLISKDSLPKDSRPSFVGSSSGHTSTTL
;
R
6 'polypeptide(L)'
;DVQLVESGGGLVQPGGSRKLSCSASGFAFSSFGMHWVRQAPEKGLEWVAYISSGSGTIYYADTVKGRFTISRDDPKNTLF
LQMTSLRSEDTAMYYCVRSIYYYGSSPFDFWGQGTTLTVSSGGGGSGGGGSGGGGSDIVMTQATSSVPVTPGESVSISCR
SSKSLLHSNGNTYLYWFLQRPGQSPQLLIYRMSNLASGVPDRFSGSGSGTAFTLTISRLEAEDVGVYYCMQHLEYPLTFG
AGTKLELKAAAHHHHHHHH
;
S
#
loop_
_chem_comp.id
_chem_comp.type
_chem_comp.name
_chem_comp.formula
CLR non-polymer CHOLESTEROL 'C27 H46 O'
#
# COMPACT_ATOMS: atom_id res chain seq x y z
N CYS A 2 18.35 17.86 11.11
CA CYS A 2 17.45 17.71 9.97
C CYS A 2 16.20 18.53 10.17
N THR A 3 16.42 19.80 10.55
CA THR A 3 15.45 20.85 10.90
C THR A 3 14.24 20.39 11.69
N LEU A 4 14.44 19.46 12.62
CA LEU A 4 13.38 18.93 13.46
C LEU A 4 13.81 18.96 14.91
N SER A 5 12.85 19.15 15.80
CA SER A 5 13.15 19.23 17.21
C SER A 5 13.46 17.84 17.75
N ALA A 6 13.85 17.79 19.03
CA ALA A 6 14.28 16.54 19.64
C ALA A 6 13.14 15.60 19.86
N GLU A 7 11.94 16.13 20.02
CA GLU A 7 10.78 15.31 20.21
C GLU A 7 10.17 14.91 18.88
N ASP A 8 10.17 15.82 17.93
CA ASP A 8 9.63 15.53 16.61
C ASP A 8 10.48 14.51 15.88
N LYS A 9 11.78 14.46 16.18
CA LYS A 9 12.60 13.38 15.65
C LYS A 9 12.20 12.05 16.26
N ALA A 10 11.74 12.07 17.51
CA ALA A 10 11.23 10.85 18.11
C ALA A 10 9.82 10.53 17.65
N ALA A 11 9.10 11.53 17.14
CA ALA A 11 7.75 11.27 16.67
C ALA A 11 7.76 10.47 15.39
N VAL A 12 8.60 10.84 14.42
CA VAL A 12 8.69 10.05 13.21
C VAL A 12 9.40 8.73 13.44
N GLU A 13 10.06 8.55 14.57
CA GLU A 13 10.51 7.22 14.92
C GLU A 13 9.33 6.35 15.32
N ARG A 14 8.30 6.94 15.93
CA ARG A 14 7.10 6.19 16.21
C ARG A 14 6.34 5.89 14.93
N SER A 15 6.23 6.86 14.04
CA SER A 15 5.47 6.67 12.82
C SER A 15 6.20 5.88 11.76
N LYS A 16 7.43 5.44 12.01
CA LYS A 16 7.98 4.39 11.18
C LYS A 16 8.05 3.07 11.92
N MET A 17 7.85 3.08 13.23
CA MET A 17 7.61 1.81 13.92
C MET A 17 6.16 1.40 13.79
N ILE A 18 5.25 2.36 13.73
CA ILE A 18 3.85 2.07 13.44
C ILE A 18 3.70 1.59 12.02
N ASP A 19 4.36 2.27 11.08
CA ASP A 19 4.30 1.88 9.68
C ASP A 19 4.95 0.53 9.42
N ARG A 20 5.89 0.14 10.28
CA ARG A 20 6.44 -1.19 10.18
C ARG A 20 5.43 -2.23 10.62
N ASN A 21 4.59 -1.91 11.59
CA ASN A 21 3.62 -2.88 12.06
C ASN A 21 2.32 -2.88 11.27
N LEU A 22 2.24 -2.12 10.18
CA LEU A 22 1.17 -2.31 9.22
C LEU A 22 1.64 -3.08 8.00
N ARG A 23 2.83 -2.76 7.52
CA ARG A 23 3.38 -3.46 6.37
C ARG A 23 3.83 -4.86 6.71
N GLU A 24 4.11 -5.14 7.98
CA GLU A 24 4.34 -6.50 8.42
C GLU A 24 3.08 -7.15 8.93
N ASP A 25 1.94 -6.51 8.73
CA ASP A 25 0.65 -7.10 8.97
C ASP A 25 -0.22 -7.13 7.73
N GLY A 26 -0.01 -6.21 6.79
CA GLY A 26 -0.57 -6.38 5.47
C GLY A 26 0.03 -7.53 4.70
N GLU A 27 1.25 -7.93 5.06
CA GLU A 27 1.88 -9.13 4.54
C GLU A 27 1.55 -10.36 5.39
N LYS A 28 0.48 -10.30 6.16
CA LYS A 28 -0.08 -11.46 6.81
C LYS A 28 -1.55 -11.66 6.47
N ALA A 29 -2.27 -10.59 6.20
CA ALA A 29 -3.65 -10.73 5.77
C ALA A 29 -3.76 -11.02 4.29
N ALA A 30 -2.83 -10.50 3.48
CA ALA A 30 -2.86 -10.80 2.05
C ALA A 30 -2.31 -12.18 1.73
N ARG A 31 -1.71 -12.86 2.70
CA ARG A 31 -1.36 -14.25 2.49
C ARG A 31 -2.52 -15.18 2.81
N GLU A 32 -3.57 -14.66 3.42
CA GLU A 32 -4.67 -15.53 3.80
C GLU A 32 -5.90 -15.27 2.94
N VAL A 33 -6.77 -16.26 2.90
CA VAL A 33 -7.82 -16.36 1.90
C VAL A 33 -9.15 -16.03 2.54
N LYS A 34 -9.81 -14.99 2.04
CA LYS A 34 -11.13 -14.61 2.50
C LYS A 34 -12.17 -15.30 1.63
N LEU A 35 -13.32 -15.61 2.20
CA LEU A 35 -14.36 -16.33 1.49
C LEU A 35 -15.71 -15.82 1.95
N LEU A 36 -16.47 -15.20 1.06
CA LEU A 36 -17.84 -14.86 1.38
C LEU A 36 -18.69 -16.13 1.35
N LEU A 37 -19.70 -16.20 2.20
CA LEU A 37 -20.50 -17.42 2.34
C LEU A 37 -21.98 -17.05 2.23
N LEU A 38 -22.50 -17.02 1.01
CA LEU A 38 -23.83 -16.52 0.79
C LEU A 38 -24.88 -17.61 0.92
N GLY A 39 -26.05 -17.37 0.36
CA GLY A 39 -27.10 -18.36 0.29
C GLY A 39 -28.30 -17.99 1.15
N ALA A 40 -29.31 -18.85 1.11
CA ALA A 40 -30.45 -18.68 1.99
C ALA A 40 -30.09 -19.08 3.42
N GLY A 41 -30.87 -18.58 4.37
CA GLY A 41 -30.59 -18.84 5.78
C GLY A 41 -30.96 -20.23 6.24
N GLU A 42 -31.81 -20.92 5.48
CA GLU A 42 -32.29 -22.25 5.82
C GLU A 42 -31.80 -23.32 4.85
N SER A 43 -30.90 -22.95 3.95
CA SER A 43 -30.49 -23.81 2.84
C SER A 43 -29.22 -24.56 3.13
N GLY A 44 -29.06 -25.05 4.35
CA GLY A 44 -27.83 -25.73 4.70
C GLY A 44 -26.66 -24.80 4.85
N LYS A 45 -26.92 -23.56 5.22
CA LYS A 45 -25.84 -22.58 5.34
C LYS A 45 -25.03 -22.81 6.60
N SER A 46 -25.69 -23.18 7.69
CA SER A 46 -25.01 -23.46 8.95
C SER A 46 -24.45 -24.87 9.01
N THR A 47 -24.70 -25.69 8.01
CA THR A 47 -24.17 -27.04 8.03
C THR A 47 -22.76 -27.09 7.48
N ILE A 48 -22.46 -26.28 6.47
CA ILE A 48 -21.14 -26.32 5.86
C ILE A 48 -20.09 -25.63 6.72
N VAL A 49 -20.49 -24.84 7.71
CA VAL A 49 -19.53 -24.41 8.72
C VAL A 49 -19.43 -25.42 9.85
N LYS A 50 -20.30 -26.42 9.89
CA LYS A 50 -20.15 -27.52 10.82
C LYS A 50 -19.28 -28.63 10.25
N GLN A 51 -18.48 -28.34 9.23
CA GLN A 51 -17.51 -29.30 8.72
C GLN A 51 -16.17 -29.15 9.41
N MET A 52 -15.57 -27.96 9.35
CA MET A 52 -14.36 -27.67 10.11
C MET A 52 -14.51 -26.29 10.70
N LYS A 53 -14.36 -26.19 12.03
CA LYS A 53 -14.59 -24.92 12.74
C LYS A 53 -13.51 -24.75 13.79
N ILE A 54 -12.51 -23.93 13.48
CA ILE A 54 -11.42 -23.58 14.37
C ILE A 54 -11.28 -22.07 14.35
N ILE A 55 -11.35 -21.43 15.51
CA ILE A 55 -11.19 -19.99 15.53
C ILE A 55 -10.38 -19.54 16.75
N VAL A 178 -21.76 -13.45 21.12
CA VAL A 178 -23.18 -13.45 20.78
C VAL A 178 -23.63 -12.05 20.45
N LYS A 179 -22.72 -11.09 20.62
CA LYS A 179 -23.06 -9.71 20.33
C LYS A 179 -23.05 -9.41 18.83
N THR A 180 -22.22 -10.13 18.06
CA THR A 180 -22.05 -9.82 16.64
C THR A 180 -23.21 -10.44 15.86
N THR A 181 -24.35 -9.76 15.91
CA THR A 181 -25.53 -10.22 15.20
C THR A 181 -25.43 -9.97 13.70
N GLY A 182 -24.47 -9.19 13.24
CA GLY A 182 -24.34 -8.98 11.82
C GLY A 182 -23.55 -10.02 11.06
N ILE A 183 -22.25 -10.12 11.33
CA ILE A 183 -21.35 -10.97 10.58
C ILE A 183 -20.55 -11.79 11.57
N VAL A 184 -20.58 -13.11 11.40
CA VAL A 184 -19.75 -14.00 12.18
C VAL A 184 -18.68 -14.54 11.23
N GLU A 185 -17.43 -14.51 11.68
CA GLU A 185 -16.32 -15.03 10.90
C GLU A 185 -15.98 -16.42 11.38
N THR A 186 -15.23 -17.14 10.55
CA THR A 186 -14.79 -18.47 10.90
C THR A 186 -13.37 -18.62 10.37
N HIS A 187 -12.40 -18.56 11.26
CA HIS A 187 -11.00 -18.52 10.85
C HIS A 187 -10.40 -19.91 10.76
N PHE A 188 -11.07 -20.81 10.07
CA PHE A 188 -10.55 -22.17 9.99
C PHE A 188 -9.42 -22.24 8.99
N THR A 189 -8.55 -23.21 9.19
CA THR A 189 -7.39 -23.38 8.34
C THR A 189 -7.28 -24.83 7.90
N PHE A 190 -6.47 -25.05 6.86
CA PHE A 190 -6.33 -26.36 6.25
C PHE A 190 -5.08 -26.36 5.40
N LYS A 191 -4.15 -27.26 5.71
CA LYS A 191 -2.88 -27.42 4.99
C LYS A 191 -2.11 -26.11 4.90
N ASP A 192 -2.00 -25.43 6.04
CA ASP A 192 -1.31 -24.14 6.20
C ASP A 192 -1.90 -23.07 5.28
N LEU A 193 -3.18 -22.81 5.47
CA LEU A 193 -3.87 -21.77 4.69
C LEU A 193 -5.04 -21.28 5.54
N HIS A 194 -4.84 -20.14 6.20
CA HIS A 194 -5.86 -19.60 7.10
C HIS A 194 -7.02 -19.06 6.27
N PHE A 195 -8.08 -19.84 6.13
CA PHE A 195 -9.25 -19.33 5.44
C PHE A 195 -10.05 -18.43 6.36
N LYS A 196 -11.09 -17.84 5.81
CA LYS A 196 -11.97 -16.95 6.55
C LYS A 196 -13.33 -16.99 5.89
N MET A 197 -14.32 -17.55 6.56
CA MET A 197 -15.67 -17.59 6.02
C MET A 197 -16.50 -16.48 6.66
N PHE A 198 -17.14 -15.65 5.85
CA PHE A 198 -17.96 -14.56 6.36
C PHE A 198 -19.43 -14.83 6.10
N ASP A 199 -20.10 -15.43 7.06
CA ASP A 199 -21.53 -15.69 6.96
C ASP A 199 -22.27 -14.37 7.09
N VAL A 200 -22.81 -13.87 5.98
CA VAL A 200 -23.68 -12.70 6.06
C VAL A 200 -25.10 -13.22 6.22
N GLY A 201 -25.44 -13.53 7.46
CA GLY A 201 -26.77 -14.03 7.72
C GLY A 201 -27.59 -13.05 8.49
N GLY A 202 -26.94 -12.32 9.40
CA GLY A 202 -27.69 -11.39 10.19
C GLY A 202 -28.06 -10.12 9.48
N GLN A 203 -27.53 -9.92 8.28
CA GLN A 203 -27.79 -8.69 7.54
C GLN A 203 -29.17 -8.80 6.91
N ARG A 204 -30.18 -8.42 7.67
CA ARG A 204 -31.53 -8.31 7.10
C ARG A 204 -31.75 -6.92 6.53
N SER A 205 -30.81 -6.47 5.71
CA SER A 205 -30.80 -5.13 5.18
C SER A 205 -30.56 -5.18 3.68
N GLU A 206 -30.33 -4.02 3.06
CA GLU A 206 -30.20 -3.97 1.62
C GLU A 206 -28.81 -4.42 1.19
N ARG A 207 -28.74 -5.41 0.29
CA ARG A 207 -27.45 -5.90 -0.17
C ARG A 207 -26.73 -4.91 -1.03
N LYS A 208 -27.42 -3.94 -1.60
CA LYS A 208 -26.79 -2.99 -2.50
C LYS A 208 -25.86 -2.04 -1.79
N LYS A 209 -25.92 -1.97 -0.46
CA LYS A 209 -25.21 -0.95 0.27
C LYS A 209 -23.93 -1.44 0.91
N TRP A 210 -23.78 -2.73 1.15
CA TRP A 210 -22.57 -3.21 1.78
C TRP A 210 -21.86 -4.30 1.00
N ILE A 211 -22.32 -4.64 -0.20
CA ILE A 211 -21.67 -5.72 -0.91
C ILE A 211 -20.38 -5.26 -1.54
N HIS A 212 -20.15 -3.96 -1.66
CA HIS A 212 -18.87 -3.53 -2.18
C HIS A 212 -17.77 -3.62 -1.15
N CYS A 213 -18.10 -3.86 0.11
CA CYS A 213 -17.08 -4.17 1.09
C CYS A 213 -16.38 -5.48 0.78
N PHE A 214 -17.06 -6.40 0.11
CA PHE A 214 -16.53 -7.72 -0.17
C PHE A 214 -15.94 -7.84 -1.55
N GLU A 215 -15.84 -6.75 -2.30
CA GLU A 215 -15.05 -6.77 -3.52
C GLU A 215 -13.60 -7.01 -3.15
N GLY A 216 -12.97 -7.96 -3.81
CA GLY A 216 -11.64 -8.36 -3.45
C GLY A 216 -11.59 -9.60 -2.61
N VAL A 217 -12.74 -10.21 -2.33
CA VAL A 217 -12.77 -11.52 -1.72
C VAL A 217 -12.20 -12.53 -2.71
N THR A 218 -11.64 -13.62 -2.19
CA THR A 218 -10.97 -14.58 -3.06
C THR A 218 -11.95 -15.45 -3.81
N ALA A 219 -12.98 -15.94 -3.14
CA ALA A 219 -13.98 -16.77 -3.78
C ALA A 219 -15.26 -16.71 -2.98
N ILE A 220 -16.38 -16.94 -3.66
CA ILE A 220 -17.69 -16.82 -3.04
C ILE A 220 -18.27 -18.20 -2.86
N ILE A 221 -18.41 -18.65 -1.62
CA ILE A 221 -19.00 -19.96 -1.37
C ILE A 221 -20.51 -19.77 -1.35
N PHE A 222 -21.17 -20.12 -2.43
CA PHE A 222 -22.61 -20.03 -2.48
C PHE A 222 -23.20 -21.37 -2.04
N CYS A 223 -24.41 -21.34 -1.51
CA CYS A 223 -25.03 -22.58 -1.05
C CYS A 223 -26.45 -22.67 -1.52
N VAL A 224 -26.86 -23.85 -1.99
CA VAL A 224 -28.23 -24.09 -2.40
C VAL A 224 -28.64 -25.45 -1.89
N ALA A 225 -29.68 -25.49 -1.07
CA ALA A 225 -30.22 -26.77 -0.66
C ALA A 225 -30.91 -27.42 -1.83
N LEU A 226 -30.52 -28.66 -2.11
CA LEU A 226 -31.04 -29.36 -3.25
C LEU A 226 -32.46 -29.82 -3.03
N SER A 227 -32.93 -29.84 -1.79
CA SER A 227 -34.30 -30.20 -1.55
C SER A 227 -35.26 -29.04 -1.70
N ASP A 228 -34.81 -27.91 -2.23
CA ASP A 228 -35.66 -26.75 -2.41
C ASP A 228 -36.35 -26.71 -3.77
N TYR A 229 -36.40 -27.83 -4.49
CA TYR A 229 -37.11 -27.79 -5.75
C TYR A 229 -38.61 -27.85 -5.53
N ASP A 230 -39.08 -28.66 -4.59
CA ASP A 230 -40.51 -28.83 -4.38
C ASP A 230 -41.00 -28.15 -3.13
N LEU A 231 -40.09 -27.69 -2.27
CA LEU A 231 -40.47 -27.06 -1.03
C LEU A 231 -40.85 -25.62 -1.33
N VAL A 232 -42.09 -25.25 -1.05
CA VAL A 232 -42.57 -23.91 -1.40
C VAL A 232 -42.00 -22.90 -0.41
N LEU A 233 -41.98 -21.64 -0.83
CA LEU A 233 -41.56 -20.55 0.03
C LEU A 233 -42.55 -20.36 1.17
N ALA A 234 -42.07 -19.81 2.28
CA ALA A 234 -42.91 -19.67 3.46
C ALA A 234 -43.95 -18.57 3.33
N GLU A 235 -43.53 -17.37 2.92
CA GLU A 235 -44.43 -16.23 2.98
C GLU A 235 -45.45 -16.23 1.85
N ASP A 236 -45.09 -16.77 0.68
CA ASP A 236 -45.98 -16.84 -0.46
C ASP A 236 -45.98 -18.26 -0.98
N GLU A 237 -47.14 -18.72 -1.46
CA GLU A 237 -47.25 -20.08 -1.99
C GLU A 237 -46.90 -20.14 -3.47
N GLU A 238 -45.83 -19.44 -3.82
CA GLU A 238 -45.39 -19.20 -5.18
C GLU A 238 -43.94 -18.76 -5.09
N MET A 239 -43.23 -18.81 -6.22
CA MET A 239 -41.79 -18.58 -6.35
C MET A 239 -41.03 -19.51 -5.38
N ASN A 240 -41.07 -20.79 -5.79
CA ASN A 240 -40.39 -21.88 -5.10
C ASN A 240 -38.93 -21.56 -4.83
N ARG A 241 -38.41 -22.15 -3.75
CA ARG A 241 -37.13 -21.74 -3.24
C ARG A 241 -35.96 -22.13 -4.13
N MET A 242 -36.17 -23.05 -5.07
CA MET A 242 -35.16 -23.19 -6.10
C MET A 242 -35.14 -21.98 -7.02
N HIS A 243 -36.33 -21.51 -7.43
CA HIS A 243 -36.39 -20.29 -8.23
C HIS A 243 -36.03 -19.08 -7.41
N GLU A 244 -36.25 -19.13 -6.09
CA GLU A 244 -35.84 -18.03 -5.24
C GLU A 244 -34.32 -17.96 -5.12
N SER A 245 -33.67 -19.11 -4.89
CA SER A 245 -32.23 -19.12 -4.80
C SER A 245 -31.56 -18.89 -6.15
N MET A 246 -32.26 -19.13 -7.24
CA MET A 246 -31.67 -18.83 -8.54
C MET A 246 -31.61 -17.32 -8.77
N LYS A 247 -32.67 -16.61 -8.39
CA LYS A 247 -32.63 -15.16 -8.57
C LYS A 247 -31.79 -14.48 -7.51
N LEU A 248 -31.49 -15.18 -6.42
CA LEU A 248 -30.47 -14.66 -5.52
C LEU A 248 -29.09 -14.85 -6.11
N PHE A 249 -28.89 -15.97 -6.83
CA PHE A 249 -27.59 -16.26 -7.39
C PHE A 249 -27.30 -15.39 -8.60
N ASP A 250 -28.34 -15.06 -9.36
CA ASP A 250 -28.14 -14.26 -10.55
C ASP A 250 -27.79 -12.82 -10.21
N SER A 251 -28.29 -12.31 -9.09
CA SER A 251 -27.92 -10.97 -8.67
C SER A 251 -26.51 -10.94 -8.11
N ILE A 252 -26.08 -12.04 -7.50
CA ILE A 252 -24.75 -12.07 -6.91
C ILE A 252 -23.70 -12.26 -8.00
N CYS A 253 -23.93 -13.24 -8.88
CA CYS A 253 -22.91 -13.62 -9.85
C CYS A 253 -22.68 -12.52 -10.88
N ASN A 254 -23.75 -11.87 -11.32
CA ASN A 254 -23.64 -10.80 -12.29
C ASN A 254 -23.57 -9.43 -11.64
N ASN A 255 -23.18 -9.36 -10.37
CA ASN A 255 -23.03 -8.07 -9.72
C ASN A 255 -21.81 -7.38 -10.29
N LYS A 256 -21.84 -6.05 -10.29
CA LYS A 256 -20.76 -5.29 -10.89
C LYS A 256 -19.48 -5.37 -10.08
N TRP A 257 -19.57 -5.69 -8.79
CA TRP A 257 -18.39 -5.81 -7.96
C TRP A 257 -17.79 -7.20 -8.01
N PHE A 258 -18.51 -8.19 -8.51
CA PHE A 258 -18.02 -9.55 -8.55
C PHE A 258 -17.91 -9.96 -10.02
N THR A 259 -16.78 -9.68 -10.62
CA THR A 259 -16.51 -10.17 -11.97
C THR A 259 -15.39 -11.19 -11.98
N ASP A 260 -14.23 -10.82 -11.47
CA ASP A 260 -13.08 -11.71 -11.49
C ASP A 260 -13.04 -12.66 -10.30
N THR A 261 -14.10 -12.70 -9.49
CA THR A 261 -14.16 -13.58 -8.32
C THR A 261 -14.98 -14.79 -8.70
N SER A 262 -14.34 -15.96 -8.67
CA SER A 262 -15.02 -17.20 -8.98
C SER A 262 -16.01 -17.54 -7.88
N ILE A 263 -16.90 -18.47 -8.18
CA ILE A 263 -17.99 -18.82 -7.30
C ILE A 263 -17.93 -20.31 -7.02
N ILE A 264 -17.57 -20.68 -5.81
CA ILE A 264 -17.76 -22.06 -5.40
C ILE A 264 -19.22 -22.24 -5.05
N LEU A 265 -19.84 -23.25 -5.61
CA LEU A 265 -21.26 -23.47 -5.41
C LEU A 265 -21.42 -24.84 -4.77
N PHE A 266 -22.00 -24.88 -3.59
CA PHE A 266 -22.26 -26.15 -2.96
C PHE A 266 -23.71 -26.52 -3.19
N LEU A 267 -23.94 -27.76 -3.53
CA LEU A 267 -25.28 -28.32 -3.55
C LEU A 267 -25.31 -29.34 -2.41
N ASN A 268 -25.89 -28.92 -1.28
CA ASN A 268 -25.94 -29.80 -0.14
C ASN A 268 -27.30 -30.46 -0.08
N LYS A 269 -27.55 -31.18 1.02
CA LYS A 269 -28.73 -32.03 1.23
C LYS A 269 -28.91 -33.06 0.13
N LYS A 270 -27.81 -33.54 -0.45
CA LYS A 270 -27.92 -34.55 -1.50
C LYS A 270 -28.20 -35.93 -0.95
N ASP A 271 -28.25 -36.08 0.36
CA ASP A 271 -28.79 -37.28 0.97
C ASP A 271 -30.27 -37.17 1.20
N LEU A 272 -30.87 -36.02 0.93
CA LEU A 272 -32.30 -35.83 1.07
C LEU A 272 -33.01 -35.76 -0.27
N PHE A 273 -32.28 -35.41 -1.32
CA PHE A 273 -32.88 -35.09 -2.60
C PHE A 273 -33.30 -36.35 -3.34
N GLU A 274 -32.45 -37.36 -3.37
CA GLU A 274 -32.62 -38.53 -4.22
C GLU A 274 -33.77 -39.43 -3.78
N GLU A 275 -34.22 -39.34 -2.54
CA GLU A 275 -35.39 -40.10 -2.13
C GLU A 275 -36.65 -39.27 -2.17
N LYS A 276 -36.54 -37.97 -2.42
CA LYS A 276 -37.72 -37.17 -2.65
C LYS A 276 -38.16 -37.18 -4.11
N ILE A 277 -37.21 -37.28 -5.04
CA ILE A 277 -37.59 -37.30 -6.43
C ILE A 277 -38.16 -38.65 -6.84
N LYS A 278 -37.94 -39.69 -6.03
CA LYS A 278 -38.57 -40.96 -6.32
C LYS A 278 -40.09 -40.89 -6.12
N LYS A 279 -40.55 -40.05 -5.20
CA LYS A 279 -41.97 -40.02 -4.86
C LYS A 279 -42.67 -38.73 -5.24
N SER A 280 -41.94 -37.71 -5.71
CA SER A 280 -42.54 -36.45 -6.17
C SER A 280 -41.69 -35.93 -7.33
N PRO A 281 -42.31 -35.53 -8.44
CA PRO A 281 -41.54 -35.30 -9.67
C PRO A 281 -40.80 -33.99 -9.62
N LEU A 282 -39.77 -33.89 -10.46
CA LEU A 282 -38.98 -32.67 -10.51
C LEU A 282 -39.69 -31.57 -11.27
N THR A 283 -40.53 -31.93 -12.23
CA THR A 283 -41.07 -30.97 -13.18
C THR A 283 -42.08 -30.01 -12.60
N ILE A 284 -42.37 -30.08 -11.30
CA ILE A 284 -43.14 -29.05 -10.64
C ILE A 284 -42.29 -27.83 -10.31
N CYS A 285 -40.97 -27.96 -10.40
CA CYS A 285 -40.11 -26.78 -10.29
C CYS A 285 -39.74 -26.26 -11.67
N TYR A 286 -39.19 -27.12 -12.52
CA TYR A 286 -38.86 -26.67 -13.87
C TYR A 286 -39.95 -27.08 -14.84
N PRO A 287 -40.42 -26.17 -15.68
CA PRO A 287 -41.57 -26.51 -16.52
C PRO A 287 -41.21 -27.36 -17.72
N GLU A 288 -40.02 -27.17 -18.29
CA GLU A 288 -39.62 -27.91 -19.48
C GLU A 288 -38.34 -28.66 -19.15
N TYR A 289 -38.49 -29.84 -18.60
CA TYR A 289 -37.35 -30.68 -18.26
C TYR A 289 -37.14 -31.77 -19.32
N ALA A 290 -38.14 -32.62 -19.53
CA ALA A 290 -38.15 -33.72 -20.50
C ALA A 290 -36.97 -34.67 -20.29
N GLY A 291 -36.94 -35.27 -19.10
CA GLY A 291 -35.90 -36.24 -18.78
C GLY A 291 -36.39 -37.18 -17.70
N SER A 292 -35.58 -38.20 -17.44
CA SER A 292 -35.93 -39.23 -16.48
C SER A 292 -35.62 -38.74 -15.06
N ASN A 293 -35.85 -39.61 -14.08
CA ASN A 293 -35.92 -39.20 -12.68
C ASN A 293 -34.93 -39.98 -11.82
N THR A 294 -33.69 -40.08 -12.27
CA THR A 294 -32.65 -40.61 -11.42
C THR A 294 -31.87 -39.47 -10.79
N TYR A 295 -31.08 -39.80 -9.78
CA TYR A 295 -30.31 -38.78 -9.11
C TYR A 295 -29.17 -38.29 -10.00
N GLU A 296 -28.59 -39.15 -10.82
CA GLU A 296 -27.42 -38.74 -11.57
C GLU A 296 -27.76 -37.81 -12.72
N GLU A 297 -28.87 -38.05 -13.40
CA GLU A 297 -29.18 -37.25 -14.57
C GLU A 297 -29.99 -36.00 -14.25
N ALA A 298 -30.74 -36.00 -13.15
CA ALA A 298 -31.59 -34.86 -12.84
C ALA A 298 -30.86 -33.81 -12.03
N ALA A 299 -30.08 -34.23 -11.04
CA ALA A 299 -29.30 -33.28 -10.27
C ALA A 299 -28.23 -32.63 -11.13
N ALA A 300 -27.74 -33.36 -12.13
CA ALA A 300 -26.87 -32.76 -13.12
C ALA A 300 -27.58 -31.71 -13.95
N TYR A 301 -28.90 -31.81 -14.11
CA TYR A 301 -29.60 -30.75 -14.81
C TYR A 301 -29.71 -29.50 -13.96
N ILE A 302 -29.92 -29.67 -12.65
CA ILE A 302 -29.93 -28.53 -11.73
C ILE A 302 -28.55 -27.91 -11.68
N GLN A 303 -27.52 -28.74 -11.75
CA GLN A 303 -26.15 -28.24 -11.71
C GLN A 303 -25.84 -27.39 -12.93
N CYS A 304 -26.25 -27.86 -14.10
CA CYS A 304 -26.05 -26.99 -15.25
C CYS A 304 -27.13 -25.94 -15.36
N GLN A 305 -28.17 -25.99 -14.52
CA GLN A 305 -29.11 -24.89 -14.51
C GLN A 305 -28.49 -23.65 -13.87
N PHE A 306 -27.59 -23.84 -12.92
CA PHE A 306 -27.00 -22.68 -12.29
C PHE A 306 -25.86 -22.12 -13.11
N GLU A 307 -25.12 -22.96 -13.81
CA GLU A 307 -23.97 -22.45 -14.54
C GLU A 307 -24.36 -21.74 -15.83
N ASP A 308 -25.63 -21.79 -16.23
CA ASP A 308 -26.10 -21.02 -17.38
C ASP A 308 -26.60 -19.66 -16.96
N LEU A 309 -26.30 -19.22 -15.75
CA LEU A 309 -26.82 -17.96 -15.27
C LEU A 309 -25.82 -16.83 -15.36
N ASN A 310 -24.54 -17.12 -15.56
CA ASN A 310 -23.57 -16.04 -15.69
C ASN A 310 -23.54 -15.50 -17.12
N LYS A 311 -23.76 -14.21 -17.24
CA LYS A 311 -23.45 -13.52 -18.48
C LYS A 311 -21.95 -13.38 -18.65
N ARG A 312 -21.19 -13.46 -17.57
CA ARG A 312 -19.74 -13.41 -17.62
C ARG A 312 -19.24 -14.85 -17.66
N LYS A 313 -18.80 -15.30 -18.81
CA LYS A 313 -18.49 -16.71 -19.00
C LYS A 313 -17.04 -17.05 -18.75
N ASP A 314 -16.11 -16.21 -19.19
CA ASP A 314 -14.70 -16.52 -19.11
C ASP A 314 -13.96 -15.74 -18.04
N THR A 315 -14.58 -14.74 -17.43
CA THR A 315 -13.93 -13.99 -16.36
C THR A 315 -14.15 -14.62 -14.99
N LYS A 316 -14.90 -15.71 -14.88
CA LYS A 316 -15.09 -16.43 -13.63
C LYS A 316 -15.54 -17.85 -13.96
N GLU A 317 -15.26 -18.76 -13.04
CA GLU A 317 -15.55 -20.17 -13.30
C GLU A 317 -16.15 -20.82 -12.07
N ILE A 318 -17.37 -21.30 -12.21
CA ILE A 318 -18.14 -21.83 -11.11
C ILE A 318 -17.73 -23.27 -10.85
N TYR A 319 -17.16 -23.55 -9.70
CA TYR A 319 -16.76 -24.91 -9.35
C TYR A 319 -17.87 -25.51 -8.50
N THR A 320 -18.81 -26.18 -9.14
CA THR A 320 -19.90 -26.77 -8.37
C THR A 320 -19.46 -28.02 -7.65
N HIS A 321 -20.35 -28.53 -6.81
CA HIS A 321 -20.10 -29.72 -6.00
C HIS A 321 -21.41 -30.18 -5.40
N PHE A 322 -21.58 -31.49 -5.27
CA PHE A 322 -22.74 -32.08 -4.61
C PHE A 322 -22.29 -32.62 -3.25
N THR A 323 -22.21 -31.74 -2.27
CA THR A 323 -21.71 -32.22 -0.99
C THR A 323 -22.82 -32.92 -0.22
N CYS A 324 -22.42 -33.89 0.58
CA CYS A 324 -23.38 -34.57 1.44
C CYS A 324 -23.40 -33.89 2.80
N ALA A 325 -24.28 -34.38 3.66
CA ALA A 325 -24.39 -33.83 5.00
C ALA A 325 -23.44 -34.49 5.99
N THR A 326 -22.92 -35.67 5.66
CA THR A 326 -22.08 -36.43 6.59
C THR A 326 -20.64 -36.59 6.14
N ASP A 327 -20.33 -36.30 4.89
CA ASP A 327 -19.00 -36.57 4.37
C ASP A 327 -18.02 -35.49 4.82
N THR A 328 -16.74 -35.77 4.56
CA THR A 328 -15.65 -34.88 4.95
C THR A 328 -14.93 -34.30 3.73
N LYS A 329 -15.45 -34.50 2.54
CA LYS A 329 -14.72 -34.22 1.33
C LYS A 329 -14.84 -32.79 0.86
N ASN A 330 -15.73 -32.00 1.45
CA ASN A 330 -15.96 -30.68 0.90
C ASN A 330 -14.89 -29.68 1.30
N VAL A 331 -14.33 -29.84 2.49
CA VAL A 331 -13.23 -28.96 2.88
C VAL A 331 -12.00 -29.25 2.01
N GLN A 332 -11.85 -30.50 1.55
CA GLN A 332 -10.87 -30.79 0.54
C GLN A 332 -11.21 -30.13 -0.77
N PHE A 333 -12.51 -30.01 -1.06
CA PHE A 333 -12.91 -29.43 -2.32
C PHE A 333 -12.69 -27.93 -2.33
N VAL A 334 -12.97 -27.26 -1.20
CA VAL A 334 -12.82 -25.82 -1.15
C VAL A 334 -11.34 -25.44 -1.14
N PHE A 335 -10.46 -26.35 -0.74
CA PHE A 335 -9.05 -26.08 -0.93
C PHE A 335 -8.66 -26.25 -2.39
N ASP A 336 -9.32 -27.17 -3.09
CA ASP A 336 -8.99 -27.39 -4.49
C ASP A 336 -9.52 -26.26 -5.37
N ALA A 337 -10.55 -25.57 -4.90
CA ALA A 337 -11.07 -24.47 -5.67
C ALA A 337 -10.52 -23.12 -5.24
N VAL A 338 -9.81 -23.05 -4.13
CA VAL A 338 -9.10 -21.82 -3.84
C VAL A 338 -7.74 -21.83 -4.50
N THR A 339 -7.12 -23.00 -4.60
CA THR A 339 -5.85 -23.13 -5.31
C THR A 339 -5.99 -22.86 -6.79
N ASP A 340 -7.19 -23.02 -7.35
CA ASP A 340 -7.42 -22.56 -8.72
C ASP A 340 -7.42 -21.04 -8.76
N VAL A 341 -8.26 -20.40 -7.97
CA VAL A 341 -8.45 -18.96 -8.12
C VAL A 341 -7.25 -18.19 -7.58
N ILE A 342 -6.48 -18.77 -6.69
CA ILE A 342 -5.22 -18.13 -6.30
C ILE A 342 -4.22 -18.21 -7.44
N ILE A 343 -4.21 -19.33 -8.17
CA ILE A 343 -3.38 -19.43 -9.37
C ILE A 343 -3.87 -18.46 -10.43
N LYS A 344 -5.18 -18.39 -10.64
CA LYS A 344 -5.73 -17.45 -11.61
C LYS A 344 -5.58 -16.01 -11.17
N ASN A 345 -5.48 -15.73 -9.88
CA ASN A 345 -5.13 -14.38 -9.47
C ASN A 345 -3.65 -14.11 -9.60
N ASN A 346 -2.82 -15.15 -9.68
CA ASN A 346 -1.41 -14.96 -9.87
C ASN A 346 -1.02 -14.86 -11.33
N LEU A 347 -1.84 -15.43 -12.22
CA LEU A 347 -1.56 -15.29 -13.64
C LEU A 347 -1.76 -13.88 -14.13
N LYS A 348 -2.64 -13.11 -13.49
CA LYS A 348 -2.78 -11.72 -13.88
C LYS A 348 -1.61 -10.89 -13.40
N ASP A 349 -1.13 -11.17 -12.19
CA ASP A 349 -0.06 -10.37 -11.63
C ASP A 349 1.29 -10.68 -12.24
N CYS A 350 1.51 -11.94 -12.66
CA CYS A 350 2.76 -12.28 -13.31
C CYS A 350 2.75 -11.95 -14.79
N GLY A 351 1.59 -11.74 -15.39
CA GLY A 351 1.52 -11.29 -16.76
C GLY A 351 1.21 -12.35 -17.78
N LEU A 352 0.99 -13.59 -17.37
CA LEU A 352 0.65 -14.60 -18.36
C LEU A 352 -0.76 -14.41 -18.87
N PHE A 353 -1.70 -14.16 -17.97
CA PHE A 353 -3.09 -13.98 -18.36
C PHE A 353 -3.51 -12.55 -18.11
N GLU B 9 -61.80 1.68 7.01
CA GLU B 9 -60.79 0.78 6.47
C GLU B 9 -59.41 1.41 6.45
N LEU B 10 -58.43 0.64 5.97
CA LEU B 10 -57.06 1.13 5.90
C LEU B 10 -56.91 2.23 4.85
N ASP B 11 -57.68 2.16 3.77
CA ASP B 11 -57.61 3.19 2.75
C ASP B 11 -58.31 4.48 3.21
N GLN B 12 -59.18 4.39 4.21
CA GLN B 12 -59.88 5.58 4.69
C GLN B 12 -58.97 6.46 5.52
N LEU B 13 -57.98 5.88 6.18
CA LEU B 13 -57.04 6.68 6.96
C LEU B 13 -55.87 7.12 6.10
N ARG B 14 -55.54 6.35 5.06
CA ARG B 14 -54.48 6.71 4.14
C ARG B 14 -54.90 7.80 3.17
N GLN B 15 -56.21 7.98 2.94
CA GLN B 15 -56.68 9.12 2.16
C GLN B 15 -56.49 10.42 2.93
N GLU B 16 -56.54 10.37 4.26
CA GLU B 16 -56.20 11.54 5.05
C GLU B 16 -54.72 11.86 4.95
N ALA B 17 -53.88 10.82 4.87
CA ALA B 17 -52.44 11.01 4.78
C ALA B 17 -52.05 11.64 3.45
N GLU B 18 -52.67 11.19 2.36
CA GLU B 18 -52.43 11.81 1.06
C GLU B 18 -52.99 13.22 1.01
N GLN B 19 -54.05 13.49 1.78
CA GLN B 19 -54.53 14.86 1.87
C GLN B 19 -53.59 15.71 2.71
N LEU B 20 -53.04 15.14 3.78
CA LEU B 20 -52.05 15.87 4.55
C LEU B 20 -50.74 16.00 3.80
N LYS B 21 -50.39 15.01 2.99
CA LYS B 21 -49.24 15.16 2.11
C LYS B 21 -49.51 16.23 1.06
N ASN B 22 -50.76 16.31 0.58
CA ASN B 22 -51.12 17.39 -0.33
C ASN B 22 -51.26 18.72 0.38
N GLN B 23 -51.33 18.74 1.71
CA GLN B 23 -51.31 20.01 2.40
C GLN B 23 -49.91 20.59 2.44
N ILE B 24 -48.92 19.77 2.80
CA ILE B 24 -47.57 20.28 2.93
C ILE B 24 -46.90 20.43 1.57
N ARG B 25 -47.34 19.69 0.55
CA ARG B 25 -46.85 19.97 -0.78
C ARG B 25 -47.44 21.26 -1.31
N ASP B 26 -48.57 21.68 -0.77
CA ASP B 26 -49.16 22.96 -1.15
C ASP B 26 -48.50 24.13 -0.44
N ALA B 27 -48.04 23.94 0.80
CA ALA B 27 -47.48 25.05 1.56
C ALA B 27 -46.09 25.42 1.10
N ARG B 28 -45.31 24.45 0.64
CA ARG B 28 -43.98 24.77 0.11
C ARG B 28 -44.09 25.58 -1.18
N LYS B 29 -45.12 25.31 -1.98
CA LYS B 29 -45.31 26.09 -3.19
C LYS B 29 -45.82 27.49 -2.89
N ALA B 30 -46.54 27.66 -1.77
CA ALA B 30 -47.02 28.99 -1.40
C ALA B 30 -45.91 29.89 -0.91
N CYS B 31 -44.72 29.34 -0.63
CA CYS B 31 -43.62 30.14 -0.13
C CYS B 31 -42.50 30.36 -1.14
N ALA B 32 -42.41 29.54 -2.19
CA ALA B 32 -41.29 29.63 -3.12
C ALA B 32 -41.59 30.67 -4.19
N ASP B 33 -41.54 31.94 -3.78
CA ASP B 33 -41.85 33.00 -4.72
C ASP B 33 -40.71 33.21 -5.71
N ALA B 34 -39.46 33.05 -5.26
CA ALA B 34 -38.32 33.19 -6.14
C ALA B 34 -37.21 32.30 -5.63
N THR B 35 -36.61 31.51 -6.51
CA THR B 35 -35.66 30.49 -6.08
C THR B 35 -34.32 31.13 -5.74
N LEU B 36 -33.33 30.28 -5.43
CA LEU B 36 -32.02 30.79 -5.10
C LEU B 36 -31.32 31.36 -6.33
N SER B 37 -31.42 30.68 -7.48
CA SER B 37 -30.69 31.12 -8.66
C SER B 37 -31.25 32.37 -9.31
N GLN B 38 -32.39 32.86 -8.85
CA GLN B 38 -32.89 34.14 -9.32
C GLN B 38 -32.57 35.27 -8.33
N ILE B 39 -32.34 34.95 -7.06
CA ILE B 39 -32.02 36.00 -6.09
C ILE B 39 -30.53 36.30 -6.02
N THR B 40 -29.65 35.39 -6.43
CA THR B 40 -28.22 35.69 -6.36
C THR B 40 -27.60 35.84 -7.74
N ASN B 41 -28.35 36.37 -8.70
CA ASN B 41 -27.75 36.64 -10.00
C ASN B 41 -26.77 37.82 -9.93
N ASN B 42 -27.01 38.75 -9.02
CA ASN B 42 -26.16 39.92 -8.85
C ASN B 42 -25.04 39.67 -7.86
N ILE B 43 -24.30 38.59 -8.09
CA ILE B 43 -23.15 38.27 -7.26
C ILE B 43 -21.99 38.02 -8.21
N ASP B 44 -20.82 38.15 -7.70
CA ASP B 44 -19.62 37.77 -8.42
C ASP B 44 -19.47 36.25 -8.40
N PRO B 45 -18.82 35.68 -9.39
CA PRO B 45 -18.46 34.26 -9.29
C PRO B 45 -17.26 34.10 -8.38
N VAL B 46 -17.02 32.86 -7.97
CA VAL B 46 -15.90 32.57 -7.09
C VAL B 46 -14.62 32.40 -7.90
N GLY B 47 -14.73 32.15 -9.19
CA GLY B 47 -13.55 31.93 -10.00
C GLY B 47 -13.06 30.51 -9.86
N ARG B 48 -12.02 30.18 -10.61
CA ARG B 48 -11.48 28.83 -10.57
C ARG B 48 -10.72 28.63 -9.28
N ILE B 49 -10.97 27.50 -8.63
CA ILE B 49 -10.34 27.16 -7.37
C ILE B 49 -9.54 25.88 -7.60
N GLN B 50 -8.26 26.03 -7.86
CA GLN B 50 -7.37 24.88 -7.98
C GLN B 50 -6.69 24.64 -6.65
N MET B 51 -6.72 23.39 -6.19
CA MET B 51 -6.14 23.02 -4.91
C MET B 51 -5.11 21.93 -5.14
N ARG B 52 -3.93 22.13 -4.57
CA ARG B 52 -2.82 21.21 -4.78
C ARG B 52 -2.76 20.22 -3.64
N THR B 53 -2.33 19.01 -3.95
CA THR B 53 -2.15 17.97 -2.95
C THR B 53 -0.97 18.33 -2.08
N ARG B 54 -1.22 18.94 -0.93
CA ARG B 54 -0.12 19.34 -0.08
C ARG B 54 0.51 18.15 0.62
N ARG B 55 -0.29 17.34 1.31
CA ARG B 55 0.23 16.12 1.89
C ARG B 55 -0.45 14.92 1.24
N THR B 56 0.14 13.76 1.46
CA THR B 56 -0.51 12.51 1.12
C THR B 56 -0.12 11.50 2.18
N LEU B 57 -1.08 10.67 2.57
CA LEU B 57 -0.94 9.78 3.70
C LEU B 57 -1.10 8.36 3.20
N ARG B 58 -0.07 7.55 3.37
CA ARG B 58 -0.08 6.28 2.64
C ARG B 58 0.11 5.09 3.54
N GLY B 59 -0.66 4.99 4.61
CA GLY B 59 -0.38 3.96 5.57
C GLY B 59 -1.21 2.71 5.42
N HIS B 60 -2.43 2.86 4.93
CA HIS B 60 -3.32 1.73 4.93
C HIS B 60 -2.99 0.79 3.78
N LEU B 61 -3.62 -0.37 3.80
CA LEU B 61 -3.43 -1.35 2.74
C LEU B 61 -4.76 -1.86 2.24
N ALA B 62 -5.81 -1.04 2.35
CA ALA B 62 -7.12 -1.45 1.89
C ALA B 62 -7.87 -0.20 1.46
N LYS B 63 -9.19 -0.31 1.37
CA LYS B 63 -9.99 0.83 0.95
C LYS B 63 -10.30 1.71 2.15
N ILE B 64 -9.98 2.99 2.05
CA ILE B 64 -10.36 3.94 3.08
C ILE B 64 -11.86 4.14 3.04
N TYR B 65 -12.52 3.90 4.14
CA TYR B 65 -13.97 3.99 4.12
C TYR B 65 -14.53 5.26 4.72
N ALA B 66 -13.88 5.86 5.71
CA ALA B 66 -14.34 7.13 6.24
C ALA B 66 -13.19 7.87 6.87
N MET B 67 -13.49 9.06 7.37
CA MET B 67 -12.52 9.90 8.06
C MET B 67 -13.28 10.93 8.87
N HIS B 68 -12.53 11.61 9.73
CA HIS B 68 -13.09 12.68 10.54
C HIS B 68 -11.93 13.51 11.03
N TRP B 69 -12.06 14.81 10.99
CA TRP B 69 -11.03 15.65 11.57
C TRP B 69 -11.31 15.87 13.05
N GLY B 70 -10.27 16.02 13.84
CA GLY B 70 -10.45 16.48 15.19
C GLY B 70 -10.82 17.95 15.21
N THR B 71 -11.39 18.42 16.31
CA THR B 71 -11.74 19.82 16.32
C THR B 71 -10.59 20.73 16.66
N ASP B 72 -9.37 20.21 16.85
CA ASP B 72 -8.22 21.09 16.78
C ASP B 72 -7.77 21.31 15.36
N SER B 73 -8.45 20.70 14.40
CA SER B 73 -8.21 20.78 12.96
C SER B 73 -6.80 20.39 12.58
N ARG B 74 -6.18 19.53 13.36
CA ARG B 74 -4.88 18.99 12.97
C ARG B 74 -4.89 17.49 12.88
N LEU B 75 -5.40 16.81 13.91
CA LEU B 75 -5.41 15.37 13.84
C LEU B 75 -6.54 14.89 12.94
N LEU B 76 -6.47 13.62 12.56
CA LEU B 76 -7.32 13.09 11.51
C LEU B 76 -7.32 11.58 11.67
N VAL B 77 -8.49 11.01 11.82
CA VAL B 77 -8.66 9.57 11.93
C VAL B 77 -9.07 9.04 10.56
N SER B 78 -8.62 7.86 10.21
CA SER B 78 -9.07 7.28 8.96
C SER B 78 -9.18 5.78 9.13
N ALA B 79 -10.24 5.19 8.63
CA ALA B 79 -10.58 3.81 8.94
C ALA B 79 -10.72 3.01 7.67
N SER B 80 -9.92 1.98 7.53
CA SER B 80 -9.97 1.16 6.33
C SER B 80 -10.42 -0.24 6.68
N GLN B 81 -10.66 -1.03 5.64
CA GLN B 81 -11.24 -2.34 5.83
C GLN B 81 -10.21 -3.43 5.90
N ASP B 82 -8.98 -3.11 6.29
CA ASP B 82 -8.02 -4.14 6.66
C ASP B 82 -7.96 -4.30 8.16
N GLY B 83 -8.89 -3.71 8.89
CA GLY B 83 -8.89 -3.84 10.32
C GLY B 83 -7.96 -2.89 11.02
N LYS B 84 -7.68 -1.74 10.42
CA LYS B 84 -6.84 -0.73 11.03
C LYS B 84 -7.59 0.58 11.05
N LEU B 85 -7.31 1.39 12.05
CA LEU B 85 -7.97 2.68 12.23
C LEU B 85 -6.87 3.63 12.66
N ILE B 86 -6.26 4.29 11.71
CA ILE B 86 -5.03 5.02 11.95
C ILE B 86 -5.36 6.48 12.22
N ILE B 87 -4.77 7.05 13.25
CA ILE B 87 -4.98 8.45 13.58
C ILE B 87 -3.79 9.24 13.04
N TRP B 88 -4.00 9.94 11.94
CA TRP B 88 -2.89 10.62 11.30
C TRP B 88 -2.61 11.95 11.97
N ASP B 89 -1.48 12.54 11.59
CA ASP B 89 -1.17 13.92 11.88
C ASP B 89 -1.07 14.62 10.54
N SER B 90 -1.86 15.67 10.37
CA SER B 90 -1.98 16.19 9.02
C SER B 90 -0.88 17.16 8.66
N TYR B 91 -0.26 17.83 9.64
CA TYR B 91 0.76 18.83 9.31
C TYR B 91 2.04 18.17 8.85
N THR B 92 2.56 17.24 9.64
CA THR B 92 3.63 16.35 9.23
C THR B 92 3.07 14.95 9.20
N THR B 93 3.33 14.22 8.14
CA THR B 93 2.70 12.92 7.93
C THR B 93 3.26 11.94 8.95
N ASN B 94 2.52 11.76 10.02
CA ASN B 94 2.87 10.85 11.08
C ASN B 94 1.64 10.04 11.42
N LYS B 95 1.83 8.82 11.85
CA LYS B 95 0.74 8.03 12.40
C LYS B 95 0.83 8.09 13.91
N VAL B 96 -0.12 8.76 14.53
CA VAL B 96 -0.11 8.87 15.98
C VAL B 96 -0.43 7.53 16.61
N HIS B 97 -1.54 6.91 16.20
CA HIS B 97 -1.91 5.59 16.69
C HIS B 97 -2.36 4.74 15.54
N ALA B 98 -2.12 3.44 15.64
CA ALA B 98 -2.74 2.48 14.75
C ALA B 98 -3.53 1.54 15.62
N ILE B 99 -4.85 1.69 15.60
CA ILE B 99 -5.75 0.96 16.46
C ILE B 99 -6.20 -0.28 15.72
N PRO B 100 -5.91 -1.49 16.21
CA PRO B 100 -6.40 -2.68 15.52
C PRO B 100 -7.84 -2.96 15.90
N LEU B 101 -8.68 -3.15 14.89
CA LEU B 101 -10.10 -3.30 15.12
C LEU B 101 -10.48 -4.74 15.38
N ARG B 102 -11.56 -4.93 16.12
CA ARG B 102 -12.03 -6.27 16.40
C ARG B 102 -12.68 -6.90 15.17
N SER B 103 -13.55 -6.14 14.51
CA SER B 103 -14.14 -6.58 13.26
C SER B 103 -13.52 -5.81 12.12
N SER B 104 -12.96 -6.54 11.16
CA SER B 104 -12.20 -5.92 10.10
C SER B 104 -13.05 -5.08 9.16
N TRP B 105 -14.36 -5.27 9.15
CA TRP B 105 -15.25 -4.49 8.28
C TRP B 105 -15.69 -3.25 9.03
N VAL B 106 -15.29 -2.10 8.52
CA VAL B 106 -15.53 -0.82 9.17
C VAL B 106 -16.10 0.12 8.15
N MET B 107 -17.30 0.59 8.38
CA MET B 107 -17.94 1.45 7.41
C MET B 107 -17.92 2.90 7.79
N THR B 108 -17.58 3.24 9.02
CA THR B 108 -17.36 4.63 9.37
C THR B 108 -16.47 4.76 10.61
N CYS B 109 -16.03 6.00 10.83
CA CYS B 109 -15.27 6.36 12.01
C CYS B 109 -15.60 7.79 12.37
N ALA B 110 -15.35 8.15 13.62
CA ALA B 110 -15.60 9.52 14.03
C ALA B 110 -14.72 9.84 15.21
N TYR B 111 -14.21 11.07 15.23
CA TYR B 111 -13.28 11.55 16.23
C TYR B 111 -14.03 12.43 17.22
N ALA B 112 -13.50 12.54 18.42
CA ALA B 112 -14.21 13.25 19.45
C ALA B 112 -14.07 14.75 19.32
N PRO B 113 -15.05 15.52 19.78
CA PRO B 113 -14.85 16.96 19.86
C PRO B 113 -13.84 17.33 20.92
N SER B 114 -13.76 16.57 22.00
CA SER B 114 -12.74 16.83 23.00
C SER B 114 -11.39 16.29 22.58
N GLY B 115 -11.36 15.42 21.59
CA GLY B 115 -10.12 14.79 21.21
C GLY B 115 -9.79 13.57 22.03
N ASN B 116 -10.69 13.09 22.86
CA ASN B 116 -10.40 11.94 23.69
C ASN B 116 -10.74 10.62 23.05
N TYR B 117 -11.88 10.49 22.41
CA TYR B 117 -12.36 9.19 21.98
C TYR B 117 -12.37 9.10 20.46
N VAL B 118 -12.52 7.89 19.97
CA VAL B 118 -12.73 7.64 18.56
C VAL B 118 -13.55 6.37 18.45
N ALA B 119 -14.55 6.36 17.57
CA ALA B 119 -15.43 5.22 17.47
C ALA B 119 -15.47 4.71 16.05
N CYS B 120 -15.08 3.46 15.86
CA CYS B 120 -15.26 2.83 14.57
C CYS B 120 -16.72 2.51 14.37
N GLY B 121 -17.10 2.32 13.12
CA GLY B 121 -18.44 1.90 12.81
C GLY B 121 -18.54 0.40 12.80
N GLY B 122 -18.96 -0.16 11.68
CA GLY B 122 -18.95 -1.59 11.59
C GLY B 122 -20.00 -2.14 10.68
N LEU B 123 -19.69 -3.25 10.05
CA LEU B 123 -20.69 -4.04 9.38
C LEU B 123 -21.23 -5.11 10.30
N ASP B 124 -20.68 -5.25 11.50
CA ASP B 124 -21.24 -6.14 12.49
C ASP B 124 -22.12 -5.42 13.47
N ASN B 125 -22.66 -4.27 13.08
CA ASN B 125 -23.53 -3.35 13.81
C ASN B 125 -23.22 -3.15 15.29
N ILE B 126 -21.94 -3.06 15.61
CA ILE B 126 -21.51 -2.78 16.97
C ILE B 126 -20.60 -1.58 16.87
N CYS B 127 -20.99 -0.48 17.48
CA CYS B 127 -20.22 0.75 17.40
C CYS B 127 -19.27 0.78 18.59
N SER B 128 -18.03 0.35 18.40
CA SER B 128 -17.08 0.26 19.49
C SER B 128 -16.38 1.59 19.65
N ILE B 129 -16.18 2.01 20.88
CA ILE B 129 -15.62 3.32 21.21
C ILE B 129 -14.25 3.12 21.81
N TYR B 130 -13.24 3.73 21.19
CA TYR B 130 -11.87 3.59 21.66
C TYR B 130 -11.47 4.80 22.48
N ASN B 131 -10.52 4.59 23.38
CA ASN B 131 -10.06 5.64 24.27
C ASN B 131 -8.61 5.95 23.96
N LEU B 132 -8.30 7.21 23.67
CA LEU B 132 -6.97 7.59 23.25
C LEU B 132 -6.11 8.14 24.38
N LYS B 133 -6.53 9.24 25.00
CA LYS B 133 -5.72 9.89 26.01
C LYS B 133 -5.90 9.13 27.32
N THR B 134 -5.26 7.97 27.38
CA THR B 134 -5.44 7.07 28.51
C THR B 134 -4.11 6.82 29.20
N ARG B 135 -4.23 6.30 30.41
CA ARG B 135 -3.13 5.68 31.12
C ARG B 135 -2.69 4.44 30.35
N GLU B 136 -1.43 4.05 30.55
CA GLU B 136 -0.83 2.80 30.10
C GLU B 136 -0.54 2.76 28.61
N GLY B 137 -0.71 3.86 27.90
CA GLY B 137 -0.22 3.97 26.53
C GLY B 137 -0.96 3.18 25.48
N ASN B 138 -1.93 2.35 25.84
CA ASN B 138 -2.68 1.57 24.89
C ASN B 138 -3.76 2.42 24.24
N VAL B 139 -4.56 1.80 23.38
CA VAL B 139 -5.86 2.32 22.97
C VAL B 139 -6.82 1.15 23.13
N ARG B 140 -7.55 1.11 24.23
CA ARG B 140 -8.43 -0.01 24.49
C ARG B 140 -9.87 0.42 24.30
N VAL B 141 -10.73 -0.58 24.13
CA VAL B 141 -12.15 -0.31 23.91
C VAL B 141 -12.78 0.23 25.18
N SER B 142 -13.43 1.38 25.07
CA SER B 142 -14.15 1.88 26.22
C SER B 142 -15.44 1.11 26.41
N ARG B 143 -16.24 1.03 25.36
CA ARG B 143 -17.52 0.35 25.42
C ARG B 143 -17.93 -0.02 24.03
N GLU B 144 -18.51 -1.20 23.87
CA GLU B 144 -19.05 -1.64 22.59
C GLU B 144 -20.55 -1.52 22.64
N LEU B 145 -21.12 -0.74 21.73
CA LEU B 145 -22.51 -0.35 21.83
C LEU B 145 -23.39 -1.26 20.98
N ALA B 146 -23.56 -2.49 21.44
CA ALA B 146 -24.41 -3.42 20.72
C ALA B 146 -25.87 -3.04 20.94
N GLY B 147 -26.70 -3.35 19.94
CA GLY B 147 -28.11 -3.08 20.08
C GLY B 147 -28.81 -2.72 18.80
N HIS B 148 -28.06 -2.46 17.74
CA HIS B 148 -28.68 -2.36 16.44
C HIS B 148 -28.90 -3.75 15.88
N THR B 149 -29.68 -3.81 14.81
CA THR B 149 -29.90 -5.09 14.16
C THR B 149 -29.47 -5.11 12.72
N GLY B 150 -29.17 -3.97 12.12
CA GLY B 150 -28.71 -4.02 10.76
C GLY B 150 -27.21 -4.01 10.66
N TYR B 151 -26.71 -3.00 10.00
CA TYR B 151 -25.31 -2.66 9.96
C TYR B 151 -25.24 -1.24 10.46
N LEU B 152 -24.08 -0.64 10.37
CA LEU B 152 -23.91 0.71 10.89
C LEU B 152 -23.24 1.54 9.82
N SER B 153 -23.63 2.80 9.72
CA SER B 153 -23.26 3.56 8.55
C SER B 153 -22.53 4.85 8.87
N CYS B 154 -22.96 5.58 9.90
CA CYS B 154 -22.29 6.83 10.25
C CYS B 154 -22.61 7.12 11.70
N CYS B 155 -21.59 7.34 12.53
CA CYS B 155 -21.82 7.57 13.95
C CYS B 155 -21.02 8.75 14.48
N ARG B 156 -21.59 9.94 14.39
CA ARG B 156 -20.95 11.15 14.90
C ARG B 156 -21.08 11.24 16.42
N PHE B 157 -20.29 12.11 17.03
CA PHE B 157 -20.27 12.31 18.48
C PHE B 157 -20.93 13.62 18.85
N LEU B 158 -21.86 13.58 19.78
CA LEU B 158 -22.34 14.83 20.36
C LEU B 158 -21.30 15.40 21.31
N ASP B 159 -20.90 14.64 22.31
CA ASP B 159 -19.83 14.99 23.21
C ASP B 159 -19.16 13.69 23.62
N ASP B 160 -18.43 13.70 24.72
CA ASP B 160 -17.79 12.46 25.12
C ASP B 160 -18.73 11.48 25.80
N ASN B 161 -20.02 11.75 25.87
CA ASN B 161 -20.93 10.83 26.54
C ASN B 161 -22.18 10.51 25.73
N GLN B 162 -22.35 11.11 24.56
CA GLN B 162 -23.53 10.87 23.74
C GLN B 162 -23.07 10.75 22.30
N ILE B 163 -23.45 9.66 21.66
CA ILE B 163 -23.04 9.39 20.30
C ILE B 163 -24.27 9.04 19.49
N VAL B 164 -24.43 9.64 18.32
CA VAL B 164 -25.61 9.47 17.50
C VAL B 164 -25.24 8.51 16.38
N THR B 165 -25.70 7.28 16.44
CA THR B 165 -25.35 6.32 15.41
C THR B 165 -26.54 6.08 14.49
N SER B 166 -26.34 6.32 13.20
CA SER B 166 -27.24 5.77 12.21
C SER B 166 -27.01 4.29 12.04
N SER B 167 -27.98 3.59 11.49
CA SER B 167 -27.83 2.16 11.35
C SER B 167 -28.42 1.71 10.04
N GLY B 168 -28.45 0.40 9.85
CA GLY B 168 -28.98 -0.18 8.65
C GLY B 168 -30.30 -0.86 8.82
N ASP B 169 -30.97 -0.70 9.96
CA ASP B 169 -32.31 -1.20 10.15
C ASP B 169 -33.29 -0.05 10.34
N THR B 170 -33.02 1.08 9.68
CA THR B 170 -33.81 2.30 9.67
C THR B 170 -34.00 2.92 11.06
N THR B 171 -33.04 2.74 11.96
CA THR B 171 -33.15 3.30 13.30
C THR B 171 -31.90 4.11 13.59
N CYS B 172 -32.02 5.43 13.58
CA CYS B 172 -30.98 6.26 14.15
C CYS B 172 -31.12 6.24 15.65
N ALA B 173 -30.04 5.96 16.36
CA ALA B 173 -30.12 5.85 17.80
C ALA B 173 -29.16 6.84 18.45
N LEU B 174 -29.38 7.09 19.73
CA LEU B 174 -28.53 7.95 20.52
C LEU B 174 -28.12 7.17 21.75
N TRP B 175 -26.83 6.99 21.94
CA TRP B 175 -26.38 6.14 23.03
C TRP B 175 -25.83 6.99 24.15
N ASP B 176 -25.72 6.38 25.32
CA ASP B 176 -24.82 6.84 26.36
C ASP B 176 -23.58 5.99 26.35
N ILE B 177 -22.53 6.47 26.98
CA ILE B 177 -21.27 5.76 26.96
C ILE B 177 -20.85 5.28 28.34
N GLU B 178 -21.19 6.01 29.40
CA GLU B 178 -20.88 5.51 30.74
C GLU B 178 -21.72 4.29 31.08
N THR B 179 -22.93 4.24 30.55
CA THR B 179 -23.74 3.03 30.52
C THR B 179 -23.96 2.65 29.06
N GLY B 180 -24.20 1.38 28.82
CA GLY B 180 -24.23 0.94 27.45
C GLY B 180 -25.54 1.09 26.71
N GLN B 181 -26.57 1.62 27.34
CA GLN B 181 -27.90 1.60 26.77
C GLN B 181 -28.12 2.77 25.82
N GLN B 182 -29.20 2.70 25.06
CA GLN B 182 -29.66 3.83 24.29
C GLN B 182 -30.48 4.76 25.17
N THR B 183 -30.78 5.93 24.64
CA THR B 183 -31.75 6.79 25.31
C THR B 183 -33.00 6.98 24.46
N THR B 184 -32.83 7.36 23.20
CA THR B 184 -33.94 7.42 22.28
C THR B 184 -33.65 6.52 21.10
N THR B 185 -34.64 6.36 20.24
CA THR B 185 -34.48 5.60 19.01
C THR B 185 -35.28 6.32 17.95
N PHE B 186 -34.60 7.11 17.13
CA PHE B 186 -35.29 7.89 16.13
C PHE B 186 -35.72 7.00 14.99
N THR B 187 -36.95 6.53 15.02
CA THR B 187 -37.46 5.70 13.94
C THR B 187 -38.44 6.49 13.10
N GLY B 188 -38.63 6.05 11.87
CA GLY B 188 -39.48 6.77 10.97
C GLY B 188 -39.07 6.67 9.52
N HIS B 189 -37.94 6.03 9.26
CA HIS B 189 -37.53 5.83 7.89
C HIS B 189 -38.09 4.52 7.35
N THR B 190 -37.87 4.30 6.06
CA THR B 190 -38.27 3.05 5.43
C THR B 190 -37.10 2.32 4.81
N GLY B 191 -36.29 2.99 4.04
CA GLY B 191 -35.03 2.43 3.62
C GLY B 191 -33.95 2.79 4.61
N ASP B 192 -32.90 2.00 4.66
CA ASP B 192 -31.92 2.11 5.72
C ASP B 192 -31.11 3.40 5.62
N VAL B 193 -30.79 3.96 6.78
CA VAL B 193 -30.17 5.27 6.87
C VAL B 193 -28.72 5.15 6.45
N MET B 194 -28.27 6.04 5.57
CA MET B 194 -26.94 5.91 5.01
C MET B 194 -25.94 6.88 5.58
N SER B 195 -26.36 8.02 6.08
CA SER B 195 -25.42 8.95 6.70
C SER B 195 -26.19 9.93 7.55
N LEU B 196 -25.50 10.50 8.54
CA LEU B 196 -26.05 11.60 9.31
C LEU B 196 -24.97 12.63 9.54
N SER B 197 -25.37 13.74 10.15
CA SER B 197 -24.46 14.81 10.52
C SER B 197 -25.17 15.69 11.53
N LEU B 198 -24.43 16.22 12.47
CA LEU B 198 -25.02 17.00 13.53
C LEU B 198 -24.97 18.46 13.18
N ALA B 199 -25.92 19.21 13.72
CA ALA B 199 -25.89 20.65 13.58
C ALA B 199 -24.74 21.23 14.39
N PRO B 200 -24.29 22.44 14.05
CA PRO B 200 -23.26 23.08 14.86
C PRO B 200 -23.66 23.43 16.28
N ASP B 201 -24.95 23.50 16.60
CA ASP B 201 -25.34 23.66 17.99
C ASP B 201 -25.74 22.35 18.64
N THR B 202 -25.61 21.23 17.90
CA THR B 202 -25.83 19.86 18.38
C THR B 202 -27.19 19.65 19.03
N ARG B 203 -28.18 20.38 18.57
CA ARG B 203 -29.56 20.26 19.03
C ARG B 203 -30.41 19.50 18.03
N LEU B 204 -30.05 19.56 16.76
CA LEU B 204 -30.75 18.92 15.66
C LEU B 204 -29.76 18.04 14.92
N PHE B 205 -30.26 17.04 14.21
CA PHE B 205 -29.40 16.34 13.26
C PHE B 205 -30.24 15.74 12.14
N VAL B 206 -29.68 15.76 10.95
CA VAL B 206 -30.34 15.23 9.78
C VAL B 206 -29.85 13.82 9.53
N SER B 207 -30.57 13.08 8.71
CA SER B 207 -30.15 11.72 8.40
C SER B 207 -30.70 11.36 7.04
N GLY B 208 -29.81 11.01 6.11
CA GLY B 208 -30.20 10.70 4.75
C GLY B 208 -30.42 9.23 4.59
N ALA B 209 -31.65 8.86 4.24
CA ALA B 209 -32.05 7.48 4.20
C ALA B 209 -31.80 6.91 2.81
N CYS B 210 -32.43 5.78 2.51
CA CYS B 210 -32.27 5.13 1.22
C CYS B 210 -33.58 5.15 0.43
N ASP B 211 -34.54 5.96 0.85
CA ASP B 211 -35.77 6.10 0.09
C ASP B 211 -35.94 7.52 -0.42
N ALA B 212 -34.82 8.16 -0.77
CA ALA B 212 -34.74 9.54 -1.23
C ALA B 212 -35.31 10.51 -0.20
N SER B 213 -35.11 10.23 1.07
CA SER B 213 -35.71 11.02 2.12
C SER B 213 -34.63 11.45 3.08
N ALA B 214 -34.68 12.70 3.51
CA ALA B 214 -33.81 13.20 4.56
C ALA B 214 -34.67 13.84 5.62
N LYS B 215 -34.48 13.45 6.87
CA LYS B 215 -35.33 13.91 7.95
C LYS B 215 -34.52 14.68 8.96
N LEU B 216 -35.02 15.82 9.39
CA LEU B 216 -34.39 16.60 10.44
C LEU B 216 -34.97 16.17 11.78
N TRP B 217 -34.17 15.50 12.58
CA TRP B 217 -34.66 15.11 13.88
C TRP B 217 -34.43 16.22 14.88
N ASP B 218 -34.68 15.93 16.15
CA ASP B 218 -34.12 16.73 17.22
C ASP B 218 -33.55 15.78 18.25
N VAL B 219 -32.52 16.24 18.94
CA VAL B 219 -31.76 15.33 19.78
C VAL B 219 -32.49 15.07 21.09
N ARG B 220 -33.14 16.09 21.65
CA ARG B 220 -33.73 15.94 22.98
C ARG B 220 -34.99 15.10 22.94
N GLU B 221 -36.03 15.56 22.23
CA GLU B 221 -37.32 14.89 22.28
C GLU B 221 -37.28 13.57 21.55
N GLY B 222 -37.01 13.59 20.25
CA GLY B 222 -36.83 12.35 19.55
C GLY B 222 -37.83 12.10 18.44
N MET B 223 -38.38 13.16 17.90
CA MET B 223 -39.32 13.04 16.79
C MET B 223 -38.78 13.79 15.58
N CYS B 224 -39.18 13.33 14.40
CA CYS B 224 -38.81 14.01 13.18
C CYS B 224 -39.51 15.34 13.08
N ARG B 225 -38.75 16.41 12.94
CA ARG B 225 -39.39 17.71 12.83
C ARG B 225 -39.83 17.99 11.41
N GLN B 226 -38.97 17.72 10.43
CA GLN B 226 -39.30 17.93 9.03
C GLN B 226 -38.73 16.79 8.21
N THR B 227 -39.40 16.46 7.12
CA THR B 227 -38.86 15.52 6.15
C THR B 227 -38.67 16.23 4.83
N PHE B 228 -37.72 15.75 4.03
CA PHE B 228 -37.37 16.39 2.78
C PHE B 228 -37.16 15.33 1.72
N THR B 229 -38.12 15.17 0.83
CA THR B 229 -37.99 14.22 -0.26
C THR B 229 -37.86 15.01 -1.54
N GLY B 230 -36.68 14.99 -2.11
CA GLY B 230 -36.49 15.68 -3.36
C GLY B 230 -35.73 14.82 -4.35
N HIS B 231 -35.12 13.76 -3.87
CA HIS B 231 -34.31 12.98 -4.77
C HIS B 231 -35.13 11.90 -5.42
N GLU B 232 -34.50 11.14 -6.29
CA GLU B 232 -35.12 9.97 -6.88
C GLU B 232 -34.48 8.68 -6.41
N SER B 233 -33.16 8.63 -6.32
CA SER B 233 -32.50 7.47 -5.76
C SER B 233 -32.15 7.74 -4.30
N ASP B 234 -31.32 6.88 -3.73
CA ASP B 234 -31.01 6.98 -2.31
C ASP B 234 -30.10 8.16 -2.01
N ILE B 235 -30.21 8.65 -0.78
CA ILE B 235 -29.34 9.72 -0.30
C ILE B 235 -28.13 9.08 0.37
N ASN B 236 -26.96 9.35 -0.16
CA ASN B 236 -25.77 8.62 0.23
C ASN B 236 -24.84 9.40 1.14
N ALA B 237 -25.03 10.70 1.26
CA ALA B 237 -24.16 11.51 2.11
C ALA B 237 -24.86 12.79 2.45
N ILE B 238 -24.49 13.38 3.58
CA ILE B 238 -25.21 14.54 4.07
C ILE B 238 -24.25 15.39 4.88
N CYS B 239 -24.50 16.69 4.91
CA CYS B 239 -23.69 17.62 5.67
C CYS B 239 -24.46 18.92 5.83
N PHE B 240 -24.02 19.72 6.80
CA PHE B 240 -24.70 20.95 7.14
C PHE B 240 -24.01 22.17 6.56
N PHE B 241 -24.81 23.14 6.15
CA PHE B 241 -24.34 24.51 6.05
C PHE B 241 -23.89 24.95 7.45
N PRO B 242 -22.81 25.68 7.55
CA PRO B 242 -22.17 25.85 8.86
C PRO B 242 -22.88 26.76 9.85
N ASN B 243 -24.12 27.17 9.59
CA ASN B 243 -24.90 27.85 10.61
C ASN B 243 -26.07 27.02 11.10
N GLY B 244 -26.34 25.88 10.48
CA GLY B 244 -27.43 25.05 10.93
C GLY B 244 -28.78 25.44 10.39
N ASN B 245 -28.83 26.19 9.31
CA ASN B 245 -30.10 26.55 8.68
C ASN B 245 -30.28 25.89 7.34
N ALA B 246 -29.34 25.08 6.89
CA ALA B 246 -29.43 24.46 5.60
C ALA B 246 -28.55 23.23 5.59
N PHE B 247 -28.90 22.28 4.75
CA PHE B 247 -28.05 21.10 4.66
C PHE B 247 -28.11 20.57 3.24
N ALA B 248 -27.00 20.00 2.79
CA ALA B 248 -26.94 19.49 1.43
C ALA B 248 -26.74 18.00 1.46
N THR B 249 -27.53 17.30 0.66
CA THR B 249 -27.47 15.86 0.56
C THR B 249 -26.66 15.48 -0.65
N GLY B 250 -26.29 14.21 -0.73
CA GLY B 250 -25.65 13.71 -1.93
C GLY B 250 -26.26 12.38 -2.25
N SER B 251 -26.44 12.06 -3.53
CA SER B 251 -27.24 10.91 -3.89
C SER B 251 -26.55 10.06 -4.94
N ASP B 252 -27.24 9.03 -5.38
CA ASP B 252 -26.84 8.33 -6.58
C ASP B 252 -27.53 8.88 -7.80
N ASP B 253 -28.23 9.99 -7.66
CA ASP B 253 -28.74 10.75 -8.78
C ASP B 253 -27.72 11.74 -9.30
N ALA B 254 -26.49 11.68 -8.78
CA ALA B 254 -25.39 12.60 -9.11
C ALA B 254 -25.75 14.06 -8.86
N THR B 255 -26.63 14.31 -7.90
CA THR B 255 -27.15 15.65 -7.66
C THR B 255 -27.05 15.99 -6.18
N CYS B 256 -26.16 16.90 -5.83
CA CYS B 256 -26.18 17.49 -4.51
C CYS B 256 -27.31 18.50 -4.46
N ARG B 257 -28.27 18.28 -3.59
CA ARG B 257 -29.39 19.21 -3.44
C ARG B 257 -29.21 19.96 -2.13
N LEU B 258 -29.36 21.26 -2.16
CA LEU B 258 -29.22 22.07 -0.95
C LEU B 258 -30.60 22.40 -0.41
N PHE B 259 -30.97 21.79 0.70
CA PHE B 259 -32.25 22.08 1.32
C PHE B 259 -32.08 23.20 2.34
N ASP B 260 -33.10 23.42 3.16
CA ASP B 260 -32.97 24.30 4.32
C ASP B 260 -33.96 23.87 5.39
N LEU B 261 -33.85 24.47 6.56
CA LEU B 261 -34.64 23.99 7.68
C LEU B 261 -35.75 24.92 8.10
N ARG B 262 -35.84 26.11 7.53
CA ARG B 262 -36.90 27.01 7.89
C ARG B 262 -37.85 27.33 6.75
N ALA B 263 -37.58 26.82 5.55
CA ALA B 263 -38.49 26.99 4.44
C ALA B 263 -38.89 25.68 3.80
N ASP B 264 -38.51 24.54 4.40
CA ASP B 264 -39.06 23.20 4.19
C ASP B 264 -38.69 22.59 2.84
N GLN B 265 -38.15 23.36 1.90
CA GLN B 265 -38.07 22.84 0.54
C GLN B 265 -36.65 22.89 0.04
N GLU B 266 -36.49 22.51 -1.22
CA GLU B 266 -35.20 22.42 -1.83
C GLU B 266 -34.84 23.75 -2.48
N LEU B 267 -33.64 24.23 -2.23
CA LEU B 267 -33.28 25.51 -2.80
C LEU B 267 -32.59 25.37 -4.14
N MET B 268 -31.68 24.42 -4.27
CA MET B 268 -30.90 24.32 -5.49
C MET B 268 -30.37 22.92 -5.61
N THR B 269 -30.36 22.40 -6.83
CA THR B 269 -29.65 21.16 -7.14
C THR B 269 -28.41 21.45 -7.96
N TYR B 270 -27.34 20.75 -7.65
CA TYR B 270 -26.07 20.97 -8.29
C TYR B 270 -25.85 19.84 -9.27
N SER B 271 -26.43 19.95 -10.44
CA SER B 271 -26.35 18.90 -11.42
C SER B 271 -25.47 19.35 -12.57
N HIS B 272 -24.69 18.42 -13.09
CA HIS B 272 -23.98 18.63 -14.33
C HIS B 272 -24.30 17.46 -15.25
N ASP B 273 -24.37 17.73 -16.54
CA ASP B 273 -24.81 16.67 -17.43
C ASP B 273 -23.71 15.73 -17.82
N ASN B 274 -22.47 16.06 -17.55
CA ASN B 274 -21.38 15.18 -17.92
C ASN B 274 -21.11 14.12 -16.86
N ILE B 275 -21.66 14.26 -15.66
CA ILE B 275 -21.39 13.33 -14.57
C ILE B 275 -22.59 12.42 -14.38
N ILE B 276 -22.35 11.12 -14.35
CA ILE B 276 -23.44 10.16 -14.17
C ILE B 276 -23.27 9.28 -12.96
N CYS B 277 -22.07 9.17 -12.39
CA CYS B 277 -21.87 8.31 -11.25
C CYS B 277 -22.30 9.02 -9.98
N GLY B 278 -22.44 8.24 -8.90
CA GLY B 278 -23.10 8.71 -7.72
C GLY B 278 -22.27 9.70 -6.93
N ILE B 279 -22.77 10.03 -5.74
CA ILE B 279 -22.06 10.86 -4.79
C ILE B 279 -21.78 10.01 -3.58
N THR B 280 -20.57 10.07 -3.07
CA THR B 280 -20.30 9.30 -1.89
C THR B 280 -20.13 10.17 -0.66
N SER B 281 -19.61 11.38 -0.82
CA SER B 281 -19.45 12.23 0.34
C SER B 281 -19.64 13.68 -0.04
N VAL B 282 -20.23 14.43 0.86
CA VAL B 282 -20.49 15.85 0.69
C VAL B 282 -20.00 16.56 1.93
N SER B 283 -19.30 17.67 1.74
CA SER B 283 -18.86 18.46 2.88
C SER B 283 -18.79 19.91 2.47
N PHE B 284 -19.49 20.76 3.21
CA PHE B 284 -19.39 22.19 2.98
C PHE B 284 -18.03 22.69 3.40
N SER B 285 -17.57 23.72 2.73
CA SER B 285 -16.43 24.43 3.28
C SER B 285 -16.90 25.41 4.33
N LYS B 286 -15.95 25.95 5.08
CA LYS B 286 -16.27 27.01 6.00
C LYS B 286 -16.66 28.26 5.23
N SER B 287 -17.56 29.04 5.83
CA SER B 287 -18.34 30.15 5.28
C SER B 287 -19.36 29.71 4.26
N GLY B 288 -19.46 28.42 3.94
CA GLY B 288 -20.55 27.89 3.17
C GLY B 288 -20.63 28.38 1.73
N ARG B 289 -19.50 28.62 1.11
CA ARG B 289 -19.49 29.01 -0.29
C ARG B 289 -19.10 27.88 -1.20
N LEU B 290 -18.18 27.04 -0.79
CA LEU B 290 -17.65 26.02 -1.67
C LEU B 290 -18.15 24.67 -1.20
N LEU B 291 -19.27 24.22 -1.75
CA LEU B 291 -19.74 22.87 -1.47
C LEU B 291 -18.85 21.88 -2.20
N LEU B 292 -18.08 21.12 -1.45
CA LEU B 292 -17.33 20.06 -2.08
C LEU B 292 -18.24 18.87 -2.23
N ALA B 293 -17.82 17.90 -3.04
CA ALA B 293 -18.58 16.68 -3.22
C ALA B 293 -17.66 15.65 -3.82
N GLY B 294 -17.79 14.40 -3.38
CA GLY B 294 -16.90 13.41 -3.91
C GLY B 294 -17.60 12.34 -4.70
N TYR B 295 -17.47 12.35 -6.02
CA TYR B 295 -18.17 11.34 -6.77
C TYR B 295 -17.37 10.06 -6.79
N ASP B 296 -17.95 9.02 -7.39
CA ASP B 296 -17.22 7.78 -7.56
C ASP B 296 -16.77 7.59 -9.00
N ASP B 297 -16.80 8.65 -9.80
CA ASP B 297 -16.16 8.64 -11.10
C ASP B 297 -14.70 9.08 -11.00
N PHE B 298 -14.13 8.95 -9.81
CA PHE B 298 -12.75 9.09 -9.34
C PHE B 298 -12.43 10.55 -9.09
N ASN B 299 -13.31 11.48 -9.41
CA ASN B 299 -13.03 12.90 -9.24
C ASN B 299 -13.51 13.36 -7.87
N CYS B 300 -13.51 14.67 -7.66
CA CYS B 300 -14.09 15.28 -6.46
C CYS B 300 -14.42 16.72 -6.83
N ASN B 301 -15.63 16.95 -7.31
CA ASN B 301 -15.96 18.25 -7.84
C ASN B 301 -16.17 19.25 -6.73
N VAL B 302 -15.92 20.51 -7.03
CA VAL B 302 -16.03 21.58 -6.06
C VAL B 302 -17.04 22.59 -6.57
N TRP B 303 -18.24 22.53 -6.04
CA TRP B 303 -19.34 23.36 -6.49
C TRP B 303 -19.41 24.64 -5.67
N ASP B 304 -19.69 25.74 -6.34
CA ASP B 304 -20.15 26.91 -5.63
C ASP B 304 -21.48 26.60 -4.99
N ALA B 305 -21.71 27.10 -3.80
CA ALA B 305 -22.91 26.76 -3.07
C ALA B 305 -24.02 27.77 -3.22
N LEU B 306 -23.78 28.90 -3.87
CA LEU B 306 -24.84 29.86 -4.09
C LEU B 306 -25.21 30.01 -5.56
N LYS B 307 -24.27 29.89 -6.47
CA LYS B 307 -24.59 29.64 -7.86
C LYS B 307 -24.22 28.21 -8.17
N ALA B 308 -24.98 27.59 -9.05
CA ALA B 308 -24.81 26.15 -9.24
C ALA B 308 -23.62 25.79 -10.11
N ASP B 309 -22.81 26.74 -10.53
CA ASP B 309 -21.75 26.38 -11.46
C ASP B 309 -20.60 25.72 -10.71
N ARG B 310 -19.70 25.14 -11.47
CA ARG B 310 -18.65 24.35 -10.86
C ARG B 310 -17.44 25.21 -10.57
N ALA B 311 -16.38 24.55 -10.13
CA ALA B 311 -15.06 25.12 -10.03
C ALA B 311 -14.09 23.97 -10.25
N GLY B 312 -12.87 24.14 -9.79
CA GLY B 312 -11.83 23.16 -10.05
C GLY B 312 -12.04 21.80 -9.44
N VAL B 313 -12.04 20.79 -10.27
CA VAL B 313 -12.17 19.43 -9.78
C VAL B 313 -10.87 19.00 -9.13
N LEU B 314 -10.96 18.12 -8.15
CA LEU B 314 -9.80 17.69 -7.39
C LEU B 314 -9.34 16.31 -7.83
N ALA B 315 -8.96 16.19 -9.10
CA ALA B 315 -8.63 14.86 -9.59
C ALA B 315 -7.29 14.42 -9.04
N GLY B 316 -7.08 13.12 -9.03
CA GLY B 316 -5.83 12.59 -8.52
C GLY B 316 -5.96 11.23 -7.89
N HIS B 317 -7.19 10.76 -7.73
CA HIS B 317 -7.43 9.48 -7.07
C HIS B 317 -7.67 8.37 -8.08
N ASP B 318 -7.06 7.22 -7.82
CA ASP B 318 -7.10 6.10 -8.74
C ASP B 318 -8.29 5.19 -8.52
N ASN B 319 -9.21 5.56 -7.65
CA ASN B 319 -10.40 4.76 -7.39
C ASN B 319 -11.49 5.72 -6.93
N ARG B 320 -12.49 5.20 -6.23
CA ARG B 320 -13.60 6.00 -5.72
C ARG B 320 -13.11 7.06 -4.75
N VAL B 321 -13.96 8.01 -4.44
CA VAL B 321 -13.67 8.98 -3.39
C VAL B 321 -14.70 8.78 -2.31
N SER B 322 -14.27 8.21 -1.20
CA SER B 322 -15.22 7.65 -0.26
C SER B 322 -15.53 8.54 0.92
N CYS B 323 -14.69 9.53 1.22
CA CYS B 323 -14.94 10.35 2.38
C CYS B 323 -14.24 11.68 2.25
N LEU B 324 -14.90 12.74 2.69
CA LEU B 324 -14.33 14.06 2.69
C LEU B 324 -14.41 14.64 4.07
N GLY B 325 -13.78 15.77 4.24
CA GLY B 325 -13.96 16.52 5.44
C GLY B 325 -13.20 17.80 5.32
N VAL B 326 -13.83 18.88 5.63
CA VAL B 326 -13.18 20.16 5.74
C VAL B 326 -12.85 20.33 7.20
N THR B 327 -11.66 20.85 7.49
CA THR B 327 -11.28 21.10 8.86
C THR B 327 -12.15 22.19 9.48
N ASP B 328 -12.16 22.24 10.80
CA ASP B 328 -13.08 23.16 11.45
C ASP B 328 -12.64 24.60 11.38
N ASP B 329 -11.38 24.87 11.04
CA ASP B 329 -10.97 26.22 10.73
C ASP B 329 -11.06 26.50 9.24
N GLY B 330 -11.57 25.56 8.46
CA GLY B 330 -11.72 25.76 7.05
C GLY B 330 -10.43 25.67 6.27
N MET B 331 -9.36 25.18 6.88
CA MET B 331 -8.07 25.28 6.24
C MET B 331 -7.92 24.30 5.07
N ALA B 332 -8.00 23.02 5.34
CA ALA B 332 -7.75 22.03 4.32
C ALA B 332 -8.98 21.18 4.09
N VAL B 333 -8.99 20.44 2.99
CA VAL B 333 -9.94 19.35 2.83
C VAL B 333 -9.12 18.10 2.66
N ALA B 334 -9.63 17.00 3.13
CA ALA B 334 -8.95 15.74 2.92
C ALA B 334 -9.92 14.74 2.35
N THR B 335 -9.49 14.03 1.32
CA THR B 335 -10.30 13.02 0.68
C THR B 335 -9.68 11.67 0.93
N GLY B 336 -10.51 10.69 1.22
CA GLY B 336 -10.02 9.35 1.38
C GLY B 336 -10.62 8.48 0.31
N SER B 337 -9.79 7.76 -0.39
CA SER B 337 -10.22 7.11 -1.61
C SER B 337 -10.41 5.61 -1.38
N TRP B 338 -10.55 4.86 -2.45
CA TRP B 338 -10.56 3.42 -2.31
C TRP B 338 -9.24 2.78 -2.70
N ASP B 339 -8.31 3.51 -3.28
CA ASP B 339 -6.97 3.08 -3.02
C ASP B 339 -6.58 3.66 -1.68
N SER B 340 -5.57 3.12 -1.08
CA SER B 340 -5.35 3.39 0.33
C SER B 340 -4.87 4.80 0.64
N PHE B 341 -4.76 5.76 -0.27
CA PHE B 341 -4.12 7.03 0.03
C PHE B 341 -5.15 8.08 0.38
N LEU B 342 -4.89 8.83 1.44
CA LEU B 342 -5.61 10.05 1.73
C LEU B 342 -4.81 11.21 1.18
N LYS B 343 -5.49 12.24 0.71
CA LYS B 343 -4.82 13.38 0.14
C LYS B 343 -5.40 14.62 0.78
N ILE B 344 -4.58 15.43 1.41
CA ILE B 344 -5.06 16.58 2.16
C ILE B 344 -4.90 17.81 1.27
N TRP B 345 -5.92 18.09 0.48
CA TRP B 345 -5.89 19.20 -0.45
C TRP B 345 -5.94 20.50 0.31
N ASN B 346 -5.59 21.59 -0.36
CA ASN B 346 -5.57 22.89 0.32
C ASN B 346 -5.72 24.04 -0.64
N ALA C 7 -53.52 -3.67 13.61
CA ALA C 7 -52.18 -4.21 13.50
C ALA C 7 -51.33 -3.39 12.56
N SER C 8 -51.41 -3.69 11.26
CA SER C 8 -50.68 -2.89 10.28
C SER C 8 -51.32 -1.52 10.09
N ILE C 9 -52.60 -1.38 10.44
CA ILE C 9 -53.21 -0.05 10.44
C ILE C 9 -52.69 0.78 11.59
N ALA C 10 -52.20 0.14 12.66
CA ALA C 10 -51.62 0.91 13.76
C ALA C 10 -50.29 1.52 13.36
N GLN C 11 -49.50 0.80 12.56
CA GLN C 11 -48.30 1.37 11.99
C GLN C 11 -48.63 2.47 11.00
N ALA C 12 -49.68 2.28 10.20
CA ALA C 12 -50.11 3.34 9.31
C ALA C 12 -50.86 4.43 10.03
N ARG C 13 -51.23 4.22 11.29
CA ARG C 13 -51.82 5.31 12.06
C ARG C 13 -50.76 6.25 12.57
N LYS C 14 -49.55 5.78 12.80
CA LYS C 14 -48.50 6.67 13.26
C LYS C 14 -47.99 7.58 12.16
N LEU C 15 -48.24 7.26 10.89
CA LEU C 15 -47.78 8.10 9.80
C LEU C 15 -48.58 9.39 9.72
N VAL C 16 -49.90 9.31 9.88
CA VAL C 16 -50.73 10.49 9.69
C VAL C 16 -50.60 11.43 10.87
N GLU C 17 -50.53 10.91 12.10
CA GLU C 17 -50.28 11.79 13.24
C GLU C 17 -48.87 12.36 13.22
N GLN C 18 -47.91 11.67 12.62
CA GLN C 18 -46.63 12.32 12.37
C GLN C 18 -46.78 13.38 11.31
N LEU C 19 -47.59 13.13 10.28
CA LEU C 19 -47.80 14.15 9.26
C LEU C 19 -48.63 15.31 9.77
N LYS C 20 -49.38 15.12 10.86
CA LYS C 20 -50.02 16.26 11.51
C LYS C 20 -48.99 17.21 12.10
N MET C 21 -47.86 16.67 12.56
CA MET C 21 -46.81 17.51 13.11
C MET C 21 -46.05 18.26 12.02
N GLU C 22 -45.98 17.71 10.81
CA GLU C 22 -45.24 18.39 9.75
C GLU C 22 -45.98 19.61 9.24
N ALA C 23 -47.28 19.65 9.37
CA ALA C 23 -48.06 20.73 8.80
C ALA C 23 -48.17 21.93 9.72
N ASN C 24 -47.53 21.90 10.89
CA ASN C 24 -47.69 22.95 11.87
C ASN C 24 -46.49 23.89 11.97
N ILE C 25 -45.36 23.52 11.39
CA ILE C 25 -44.20 24.40 11.46
C ILE C 25 -44.42 25.59 10.54
N ASP C 26 -44.01 26.76 11.00
CA ASP C 26 -44.09 27.93 10.14
C ASP C 26 -43.03 27.84 9.07
N ARG C 27 -43.28 28.49 7.95
CA ARG C 27 -42.33 28.48 6.85
C ARG C 27 -42.07 29.91 6.42
N ILE C 28 -40.82 30.35 6.57
CA ILE C 28 -40.44 31.62 6.00
C ILE C 28 -40.32 31.49 4.49
N LYS C 29 -40.37 32.62 3.81
CA LYS C 29 -40.29 32.60 2.37
C LYS C 29 -38.87 32.28 1.93
N VAL C 30 -38.77 31.69 0.74
CA VAL C 30 -37.48 31.25 0.24
C VAL C 30 -36.60 32.44 -0.08
N SER C 31 -37.21 33.56 -0.49
CA SER C 31 -36.44 34.77 -0.76
C SER C 31 -35.79 35.32 0.50
N LYS C 32 -36.41 35.11 1.65
CA LYS C 32 -35.76 35.45 2.90
C LYS C 32 -34.93 34.31 3.44
N ALA C 33 -35.21 33.07 3.03
CA ALA C 33 -34.38 31.97 3.46
C ALA C 33 -33.05 32.00 2.74
N ALA C 34 -33.05 32.48 1.51
CA ALA C 34 -31.80 32.53 0.76
C ALA C 34 -31.00 33.79 1.08
N ALA C 35 -31.64 34.82 1.59
CA ALA C 35 -30.91 36.03 1.94
C ALA C 35 -30.02 35.80 3.15
N ASP C 36 -30.56 35.12 4.18
CA ASP C 36 -29.75 34.74 5.32
C ASP C 36 -28.69 33.73 4.94
N LEU C 37 -28.99 32.88 3.97
CA LEU C 37 -27.96 32.02 3.41
C LEU C 37 -26.96 32.83 2.60
N MET C 38 -27.39 33.97 2.06
CA MET C 38 -26.43 34.80 1.35
C MET C 38 -25.69 35.72 2.28
N ALA C 39 -26.30 36.14 3.39
CA ALA C 39 -25.63 37.08 4.29
C ALA C 39 -24.50 36.39 5.04
N TYR C 40 -24.76 35.19 5.57
CA TYR C 40 -23.71 34.42 6.22
C TYR C 40 -22.64 33.97 5.25
N CYS C 41 -22.95 33.88 3.97
CA CYS C 41 -21.93 33.43 3.04
C CYS C 41 -20.95 34.54 2.71
N GLU C 42 -21.36 35.79 2.83
CA GLU C 42 -20.45 36.87 2.50
C GLU C 42 -19.77 37.46 3.73
N ALA C 43 -20.44 37.48 4.88
CA ALA C 43 -19.85 38.07 6.06
C ALA C 43 -18.74 37.20 6.64
N HIS C 44 -18.64 35.95 6.21
CA HIS C 44 -17.56 35.09 6.64
C HIS C 44 -16.63 34.73 5.50
N ALA C 45 -16.77 35.37 4.35
CA ALA C 45 -16.00 34.97 3.18
C ALA C 45 -14.53 35.37 3.28
N LYS C 46 -14.19 36.36 4.09
CA LYS C 46 -12.79 36.73 4.21
C LYS C 46 -12.00 35.78 5.10
N GLU C 47 -12.67 34.88 5.79
CA GLU C 47 -12.04 34.01 6.78
C GLU C 47 -12.07 32.55 6.35
N ASP C 48 -12.06 32.28 5.05
CA ASP C 48 -12.06 30.94 4.54
C ASP C 48 -10.81 30.71 3.70
N PRO C 49 -9.93 29.81 4.12
CA PRO C 49 -8.71 29.55 3.33
C PRO C 49 -8.94 28.82 2.03
N LEU C 50 -10.15 28.47 1.66
CA LEU C 50 -10.39 27.92 0.34
C LEU C 50 -10.92 28.95 -0.63
N LEU C 51 -11.68 29.94 -0.14
CA LEU C 51 -12.12 31.04 -0.98
C LEU C 51 -10.94 31.92 -1.36
N THR C 52 -10.31 32.52 -0.37
CA THR C 52 -9.21 33.43 -0.60
C THR C 52 -7.91 32.70 -0.28
N PRO C 53 -7.13 32.29 -1.28
CA PRO C 53 -5.94 31.47 -0.98
C PRO C 53 -4.86 32.28 -0.29
N VAL C 54 -4.40 31.77 0.85
CA VAL C 54 -3.44 32.47 1.68
C VAL C 54 -2.03 32.03 1.29
N PRO C 55 -1.02 32.89 1.44
CA PRO C 55 0.34 32.51 1.06
C PRO C 55 0.90 31.46 2.00
N ALA C 56 2.03 30.87 1.59
CA ALA C 56 2.65 29.80 2.36
C ALA C 56 3.31 30.27 3.64
N SER C 57 3.29 31.58 3.93
CA SER C 57 3.74 32.04 5.24
C SER C 57 2.76 31.63 6.33
N GLU C 58 1.52 32.09 6.23
CA GLU C 58 0.51 31.80 7.24
C GLU C 58 -0.24 30.50 6.96
N ASN C 59 0.16 29.77 6.00
CA ASN C 59 -0.44 28.49 5.72
C ASN C 59 0.29 27.39 6.47
N PRO C 60 -0.42 26.50 7.18
CA PRO C 60 0.27 25.44 7.90
C PRO C 60 0.72 24.34 6.99
N PHE C 61 0.20 24.26 5.79
CA PHE C 61 0.68 23.32 4.79
C PHE C 61 1.55 24.12 3.85
N ARG C 62 2.86 24.07 4.07
CA ARG C 62 3.77 24.87 3.28
C ARG C 62 4.31 24.11 2.07
N GLU C 63 4.67 22.84 2.23
CA GLU C 63 5.40 22.10 1.20
C GLU C 63 4.84 20.71 1.02
N ALA D 2 32.68 -8.77 -35.84
CA ALA D 2 33.94 -8.08 -36.08
C ALA D 2 35.09 -8.74 -35.30
N LYS D 3 34.87 -8.93 -34.00
CA LYS D 3 35.92 -9.45 -33.13
C LYS D 3 36.02 -10.96 -33.33
N GLU D 4 36.71 -11.37 -34.39
CA GLU D 4 36.98 -12.78 -34.61
C GLU D 4 38.31 -12.92 -35.33
N LEU D 5 39.32 -13.41 -34.61
CA LEU D 5 40.64 -13.62 -35.16
C LEU D 5 40.85 -15.09 -35.48
N ARG D 6 41.56 -15.35 -36.56
CA ARG D 6 41.98 -16.70 -36.90
C ARG D 6 43.41 -16.61 -37.38
N CYS D 7 44.23 -17.55 -36.91
CA CYS D 7 45.63 -17.57 -37.32
C CYS D 7 45.74 -17.90 -38.80
N GLN D 8 46.61 -17.16 -39.48
CA GLN D 8 46.75 -17.25 -40.93
C GLN D 8 47.75 -18.35 -41.31
N CYS D 9 47.44 -19.55 -40.83
CA CYS D 9 48.15 -20.80 -41.08
C CYS D 9 47.30 -21.93 -40.54
N ILE D 10 47.17 -22.99 -41.33
CA ILE D 10 46.43 -24.17 -40.85
C ILE D 10 47.32 -25.41 -40.87
N LYS D 11 48.19 -25.53 -41.88
CA LYS D 11 49.06 -26.69 -42.07
C LYS D 11 50.48 -26.20 -42.36
N THR D 12 51.38 -27.11 -42.74
CA THR D 12 52.75 -26.73 -43.03
C THR D 12 53.38 -27.70 -44.01
N TYR D 13 53.88 -27.18 -45.13
CA TYR D 13 54.71 -27.96 -46.04
C TYR D 13 56.10 -28.09 -45.45
N SER D 14 56.60 -29.33 -45.36
CA SER D 14 57.90 -29.62 -44.79
C SER D 14 58.81 -30.37 -45.76
N LYS D 15 58.51 -30.29 -47.05
CA LYS D 15 59.45 -30.77 -48.06
C LYS D 15 60.45 -29.66 -48.35
N PRO D 16 61.76 -29.96 -48.36
CA PRO D 16 62.75 -28.88 -48.51
C PRO D 16 62.89 -28.42 -49.95
N PHE D 17 63.17 -27.14 -50.12
CA PHE D 17 63.29 -26.64 -51.49
C PHE D 17 64.32 -25.51 -51.50
N HIS D 18 64.26 -24.66 -52.51
CA HIS D 18 65.25 -23.59 -52.61
C HIS D 18 64.85 -22.39 -51.75
N PRO D 19 65.84 -21.71 -51.15
CA PRO D 19 65.59 -20.38 -50.57
C PRO D 19 65.73 -19.25 -51.57
N LYS D 20 66.50 -19.46 -52.63
CA LYS D 20 66.62 -18.50 -53.72
C LYS D 20 65.48 -18.62 -54.70
N PHE D 21 64.51 -19.49 -54.44
CA PHE D 21 63.35 -19.64 -55.27
C PHE D 21 62.33 -18.55 -55.04
N ILE D 22 62.21 -18.06 -53.81
CA ILE D 22 61.11 -17.18 -53.42
C ILE D 22 61.60 -15.74 -53.38
N LYS D 23 60.63 -14.82 -53.37
CA LYS D 23 60.90 -13.40 -53.51
C LYS D 23 60.69 -12.61 -52.23
N GLU D 24 59.63 -12.91 -51.48
CA GLU D 24 59.23 -12.07 -50.37
C GLU D 24 59.31 -12.85 -49.07
N LEU D 25 58.98 -12.16 -47.98
CA LEU D 25 58.90 -12.71 -46.65
C LEU D 25 57.76 -12.01 -45.91
N ARG D 26 57.00 -12.77 -45.13
CA ARG D 26 56.04 -12.15 -44.21
C ARG D 26 56.10 -12.85 -42.87
N VAL D 27 56.72 -12.20 -41.88
CA VAL D 27 56.82 -12.71 -40.53
C VAL D 27 55.70 -12.09 -39.70
N ILE D 28 55.09 -12.91 -38.86
CA ILE D 28 54.12 -12.45 -37.88
C ILE D 28 54.43 -13.18 -36.57
N GLU D 29 54.65 -12.42 -35.51
CA GLU D 29 55.00 -12.95 -34.20
C GLU D 29 53.79 -13.58 -33.53
N SER D 30 54.04 -14.38 -32.51
CA SER D 30 52.96 -15.00 -31.75
C SER D 30 52.53 -14.09 -30.59
N GLY D 31 51.93 -12.96 -30.96
CA GLY D 31 51.52 -11.99 -29.98
C GLY D 31 50.08 -12.17 -29.53
N PRO D 32 49.22 -11.20 -29.84
CA PRO D 32 47.87 -11.17 -29.28
C PRO D 32 46.84 -11.99 -30.03
N HIS D 33 47.23 -12.75 -31.03
CA HIS D 33 46.22 -13.55 -31.72
C HIS D 33 46.63 -14.99 -31.96
N CYS D 34 47.92 -15.28 -32.11
CA CYS D 34 48.33 -16.63 -32.47
C CYS D 34 49.12 -17.33 -31.39
N ALA D 35 48.88 -18.64 -31.30
CA ALA D 35 49.56 -19.57 -30.41
C ALA D 35 50.88 -20.08 -30.98
N ASN D 36 51.18 -19.76 -32.22
CA ASN D 36 52.47 -20.12 -32.81
C ASN D 36 52.94 -18.95 -33.65
N THR D 37 54.17 -19.06 -34.11
CA THR D 37 54.79 -18.08 -34.98
C THR D 37 54.64 -18.53 -36.42
N GLU D 38 54.11 -17.64 -37.26
CA GLU D 38 53.85 -17.95 -38.65
C GLU D 38 54.73 -17.12 -39.56
N ILE D 39 55.06 -17.69 -40.71
CA ILE D 39 55.88 -17.04 -41.73
C ILE D 39 55.26 -17.31 -43.10
N ILE D 40 54.87 -16.25 -43.80
CA ILE D 40 54.22 -16.36 -45.10
C ILE D 40 55.24 -16.05 -46.18
N VAL D 41 55.46 -17.01 -47.08
CA VAL D 41 56.39 -16.88 -48.20
C VAL D 41 55.60 -16.92 -49.49
N LYS D 42 56.15 -16.30 -50.55
CA LYS D 42 55.45 -16.16 -51.82
C LYS D 42 56.42 -15.74 -52.92
N LEU D 43 56.24 -16.32 -54.12
CA LEU D 43 56.90 -15.89 -55.34
C LEU D 43 55.90 -15.10 -56.18
N SER D 44 56.38 -14.44 -57.24
CA SER D 44 55.54 -13.73 -58.20
C SER D 44 54.60 -14.64 -59.02
N ASP D 45 54.60 -15.96 -58.80
CA ASP D 45 53.64 -16.86 -59.44
C ASP D 45 52.21 -16.64 -58.97
N GLY D 46 52.03 -16.12 -57.76
CA GLY D 46 50.73 -16.04 -57.12
C GLY D 46 50.46 -17.13 -56.09
N ARG D 47 51.50 -17.85 -55.65
CA ARG D 47 51.35 -18.94 -54.70
C ARG D 47 51.97 -18.56 -53.37
N GLU D 48 51.30 -18.90 -52.28
CA GLU D 48 51.81 -18.59 -50.97
C GLU D 48 51.58 -19.76 -50.02
N LEU D 49 52.32 -19.74 -48.91
CA LEU D 49 52.52 -20.90 -48.04
C LEU D 49 52.93 -20.41 -46.65
N CYS D 50 52.62 -21.20 -45.62
CA CYS D 50 53.06 -20.92 -44.25
C CYS D 50 53.87 -22.08 -43.69
N LEU D 51 54.90 -21.74 -42.91
CA LEU D 51 55.93 -22.68 -42.49
C LEU D 51 56.06 -22.72 -40.97
N ASP D 52 56.49 -23.88 -40.45
CA ASP D 52 56.69 -24.12 -39.03
C ASP D 52 58.17 -23.96 -38.73
N PRO D 53 58.56 -23.14 -37.74
CA PRO D 53 59.98 -23.03 -37.40
C PRO D 53 60.57 -24.27 -36.72
N LYS D 54 59.79 -25.32 -36.50
CA LYS D 54 60.27 -26.44 -35.68
C LYS D 54 61.21 -27.36 -36.45
N GLU D 55 61.02 -27.50 -37.76
CA GLU D 55 61.83 -28.44 -38.51
C GLU D 55 63.22 -27.87 -38.74
N ASN D 56 64.15 -28.75 -39.15
CA ASN D 56 65.55 -28.35 -39.23
C ASN D 56 65.87 -27.56 -40.50
N TRP D 57 65.32 -27.97 -41.66
CA TRP D 57 65.58 -27.25 -42.89
C TRP D 57 64.88 -25.91 -42.95
N VAL D 58 63.79 -25.74 -42.20
CA VAL D 58 63.07 -24.47 -42.21
C VAL D 58 63.93 -23.39 -41.57
N GLN D 59 64.76 -23.76 -40.61
CA GLN D 59 65.67 -22.83 -39.99
C GLN D 59 66.98 -22.70 -40.72
N ARG D 60 67.03 -23.11 -41.97
CA ARG D 60 68.17 -22.85 -42.81
C ARG D 60 67.82 -21.97 -44.02
N VAL D 61 66.52 -21.87 -44.37
CA VAL D 61 66.09 -21.35 -45.67
C VAL D 61 65.39 -19.99 -45.58
N VAL D 62 64.83 -19.64 -44.41
CA VAL D 62 64.39 -18.25 -44.21
C VAL D 62 65.57 -17.37 -43.84
N GLU D 63 66.75 -17.95 -43.73
CA GLU D 63 67.99 -17.28 -43.43
C GLU D 63 68.92 -17.24 -44.61
N LYS D 64 68.88 -18.24 -45.50
CA LYS D 64 69.64 -18.16 -46.73
C LYS D 64 68.96 -17.24 -47.74
N PHE D 65 67.68 -17.01 -47.58
CA PHE D 65 66.92 -16.10 -48.45
C PHE D 65 67.16 -14.66 -48.02
N SER E 26 68.20 -28.99 -49.10
CA SER E 26 69.55 -29.36 -49.51
C SER E 26 69.59 -29.89 -50.95
N SER E 27 68.58 -29.53 -51.75
CA SER E 27 68.48 -29.98 -53.14
C SER E 27 67.71 -28.93 -53.93
N THR E 28 67.31 -29.30 -55.15
CA THR E 28 66.47 -28.49 -56.03
C THR E 28 65.17 -29.21 -56.30
N LEU E 29 64.04 -28.57 -55.99
CA LEU E 29 62.75 -29.18 -56.27
C LEU E 29 61.72 -28.11 -56.58
N PRO E 30 61.22 -28.05 -57.81
CA PRO E 30 60.10 -27.15 -58.12
C PRO E 30 58.71 -27.74 -57.92
N PRO E 31 58.47 -28.81 -57.14
CA PRO E 31 57.15 -28.93 -56.52
C PRO E 31 56.91 -27.88 -55.44
N PHE E 32 55.84 -27.10 -55.62
CA PHE E 32 55.39 -26.13 -54.63
C PHE E 32 53.86 -26.04 -54.63
N LEU E 33 53.19 -27.17 -54.73
CA LEU E 33 51.79 -27.17 -55.15
C LEU E 33 50.85 -27.84 -54.16
N LEU E 34 50.97 -27.53 -52.86
CA LEU E 34 50.08 -28.19 -51.90
C LEU E 34 48.82 -27.39 -51.62
N ASP E 35 48.86 -26.06 -51.85
CA ASP E 35 47.80 -25.11 -51.48
C ASP E 35 47.46 -25.17 -49.99
N ALA E 36 48.46 -24.86 -49.18
CA ALA E 36 48.25 -24.65 -47.75
C ALA E 36 47.75 -23.25 -47.43
N ALA E 37 47.42 -22.48 -48.47
CA ALA E 37 47.26 -21.03 -48.37
C ALA E 37 46.06 -20.70 -47.51
N PRO E 38 46.25 -19.99 -46.41
CA PRO E 38 45.12 -19.51 -45.62
C PRO E 38 44.32 -18.49 -46.40
N CYS E 39 43.07 -18.35 -46.03
CA CYS E 39 42.15 -17.50 -46.74
C CYS E 39 41.46 -16.61 -45.73
N GLU E 40 41.14 -15.39 -46.12
CA GLU E 40 40.23 -14.54 -45.37
C GLU E 40 39.59 -13.51 -46.30
N PRO E 41 38.55 -13.90 -47.02
CA PRO E 41 37.77 -12.87 -47.72
C PRO E 41 36.69 -12.27 -46.86
N GLU E 42 36.69 -10.94 -46.80
CA GLU E 42 35.55 -10.11 -46.40
C GLU E 42 35.48 -8.92 -47.34
N SER E 43 35.59 -9.17 -48.64
CA SER E 43 35.55 -8.08 -49.59
C SER E 43 34.10 -7.69 -49.87
N LEU E 44 33.94 -6.45 -50.37
CA LEU E 44 32.71 -5.80 -50.83
C LEU E 44 31.61 -5.70 -49.78
N GLU E 45 31.95 -5.96 -48.51
CA GLU E 45 31.17 -5.71 -47.28
C GLU E 45 29.67 -5.99 -47.42
N ILE E 46 29.34 -7.11 -48.07
CA ILE E 46 27.95 -7.44 -48.34
C ILE E 46 27.21 -7.80 -47.07
N ASN E 47 27.92 -8.21 -46.03
CA ASN E 47 27.30 -8.34 -44.73
C ASN E 47 27.24 -6.99 -44.03
N LYS E 48 28.32 -6.21 -44.12
CA LYS E 48 28.48 -5.03 -43.27
C LYS E 48 27.53 -3.90 -43.64
N TYR E 49 27.11 -3.80 -44.90
CA TYR E 49 26.18 -2.75 -45.27
C TYR E 49 24.81 -3.00 -44.67
N PHE E 50 24.44 -4.28 -44.52
CA PHE E 50 23.13 -4.63 -44.01
C PHE E 50 23.07 -4.62 -42.50
N VAL E 51 24.19 -4.79 -41.81
CA VAL E 51 24.10 -4.84 -40.35
C VAL E 51 23.86 -3.46 -39.77
N VAL E 52 24.26 -2.40 -40.49
CA VAL E 52 24.08 -1.08 -39.90
C VAL E 52 22.64 -0.63 -40.02
N ILE E 53 21.88 -1.17 -40.96
CA ILE E 53 20.47 -0.82 -41.05
C ILE E 53 19.62 -1.71 -40.17
N ILE E 54 20.15 -2.86 -39.73
CA ILE E 54 19.48 -3.62 -38.69
C ILE E 54 19.80 -3.07 -37.32
N TYR E 55 21.07 -2.74 -37.09
CA TYR E 55 21.48 -2.24 -35.78
C TYR E 55 20.96 -0.84 -35.49
N ALA E 56 20.58 -0.10 -36.51
CA ALA E 56 19.89 1.17 -36.27
C ALA E 56 18.38 0.99 -36.19
N LEU E 57 17.83 -0.02 -36.85
CA LEU E 57 16.41 -0.31 -36.69
C LEU E 57 16.11 -0.81 -35.30
N VAL E 58 16.94 -1.74 -34.80
CA VAL E 58 16.79 -2.25 -33.44
C VAL E 58 17.24 -1.21 -32.42
N PHE E 59 17.93 -0.17 -32.85
CA PHE E 59 18.21 0.94 -31.95
C PHE E 59 16.94 1.75 -31.68
N LEU E 60 16.31 2.27 -32.73
CA LEU E 60 15.19 3.19 -32.52
C LEU E 60 13.92 2.48 -32.10
N LEU E 61 13.81 1.17 -32.28
CA LEU E 61 12.66 0.49 -31.72
C LEU E 61 12.85 0.17 -30.25
N SER E 62 14.04 -0.25 -29.84
CA SER E 62 14.30 -0.58 -28.44
C SER E 62 14.68 0.64 -27.63
N LEU E 63 14.44 1.83 -28.15
CA LEU E 63 14.41 3.04 -27.35
C LEU E 63 12.99 3.53 -27.14
N LEU E 64 12.17 3.49 -28.18
CA LEU E 64 10.76 3.86 -28.03
C LEU E 64 9.98 2.74 -27.38
N GLY E 65 10.01 1.55 -27.96
CA GLY E 65 9.27 0.42 -27.47
C GLY E 65 9.86 -0.32 -26.29
N ASN E 66 10.74 0.31 -25.52
CA ASN E 66 11.31 -0.29 -24.33
C ASN E 66 11.18 0.71 -23.18
N SER E 67 11.19 2.00 -23.52
CA SER E 67 10.93 3.00 -22.50
C SER E 67 9.46 3.10 -22.13
N LEU E 68 8.57 2.42 -22.85
CA LEU E 68 7.20 2.34 -22.43
C LEU E 68 7.05 1.53 -21.16
N VAL E 69 7.87 0.49 -21.02
CA VAL E 69 7.84 -0.33 -19.81
C VAL E 69 8.53 0.42 -18.67
N MET E 70 9.45 1.32 -19.00
CA MET E 70 9.92 2.30 -18.01
C MET E 70 8.77 3.16 -17.52
N LEU E 71 7.85 3.50 -18.42
CA LEU E 71 6.77 4.42 -18.08
C LEU E 71 5.73 3.74 -17.20
N VAL E 72 5.16 2.64 -17.69
CA VAL E 72 3.99 2.04 -17.06
C VAL E 72 4.31 1.44 -15.70
N ILE E 73 5.57 1.18 -15.41
CA ILE E 73 5.94 0.80 -14.05
C ILE E 73 6.03 2.04 -13.16
N LEU E 74 6.60 3.11 -13.68
CA LEU E 74 6.94 4.28 -12.86
C LEU E 74 5.92 5.40 -12.93
N TYR E 75 4.99 5.37 -13.88
CA TYR E 75 3.94 6.39 -13.90
C TYR E 75 2.88 6.13 -12.84
N SER E 76 2.69 4.88 -12.44
CA SER E 76 1.63 4.48 -11.52
C SER E 76 2.10 4.43 -10.07
N ARG E 77 3.28 3.85 -9.82
CA ARG E 77 3.96 3.76 -8.52
C ARG E 77 3.18 2.97 -7.47
N VAL E 78 2.11 2.29 -7.84
CA VAL E 78 1.40 1.41 -6.92
C VAL E 78 1.53 -0.05 -7.30
N GLY E 79 2.09 -0.34 -8.48
CA GLY E 79 2.39 -1.71 -8.87
C GLY E 79 3.73 -2.12 -8.32
N ARG E 80 3.70 -2.85 -7.22
CA ARG E 80 4.90 -3.22 -6.46
C ARG E 80 4.79 -4.70 -6.06
N SER E 81 4.45 -5.54 -7.02
CA SER E 81 4.54 -6.97 -6.79
C SER E 81 5.89 -7.43 -7.29
N VAL E 82 6.12 -8.75 -7.23
CA VAL E 82 7.43 -9.27 -7.60
C VAL E 82 7.64 -9.20 -9.10
N THR E 83 6.58 -9.25 -9.89
CA THR E 83 6.72 -9.12 -11.33
C THR E 83 6.68 -7.67 -11.77
N ASP E 84 6.14 -6.79 -10.93
CA ASP E 84 6.16 -5.38 -11.25
C ASP E 84 7.54 -4.75 -11.11
N VAL E 85 8.49 -5.44 -10.48
CA VAL E 85 9.82 -4.90 -10.30
C VAL E 85 10.88 -5.65 -11.10
N TYR E 86 10.63 -6.91 -11.47
CA TYR E 86 11.55 -7.59 -12.37
C TYR E 86 11.48 -7.00 -13.75
N LEU E 87 10.29 -6.62 -14.19
CA LEU E 87 10.12 -5.96 -15.46
C LEU E 87 10.68 -4.55 -15.47
N LEU E 88 10.94 -3.97 -14.31
CA LEU E 88 11.69 -2.73 -14.26
C LEU E 88 13.14 -2.97 -14.64
N ASN E 89 13.81 -3.87 -13.91
CA ASN E 89 15.24 -4.11 -14.11
C ASN E 89 15.52 -4.79 -15.43
N LEU E 90 14.58 -5.58 -15.94
CA LEU E 90 14.76 -6.16 -17.25
C LEU E 90 14.59 -5.11 -18.34
N ALA E 91 13.67 -4.17 -18.16
CA ALA E 91 13.56 -3.08 -19.12
C ALA E 91 14.66 -2.07 -18.92
N LEU E 92 15.19 -1.95 -17.71
CA LEU E 92 16.33 -1.07 -17.51
C LEU E 92 17.55 -1.64 -18.19
N ALA E 93 17.82 -2.93 -17.97
CA ALA E 93 19.00 -3.57 -18.56
C ALA E 93 18.87 -3.72 -20.06
N ASP E 94 17.66 -3.85 -20.58
CA ASP E 94 17.53 -3.93 -22.02
C ASP E 94 17.66 -2.56 -22.65
N LEU E 95 17.23 -1.51 -21.94
CA LEU E 95 17.44 -0.16 -22.44
C LEU E 95 18.91 0.18 -22.43
N LEU E 96 19.58 -0.13 -21.32
CA LEU E 96 20.99 0.18 -21.15
C LEU E 96 21.87 -0.70 -22.03
N PHE E 97 21.34 -1.84 -22.49
CA PHE E 97 21.97 -2.58 -23.57
C PHE E 97 21.97 -1.78 -24.86
N ALA E 98 20.90 -1.04 -25.11
CA ALA E 98 20.81 -0.28 -26.35
C ALA E 98 21.47 1.08 -26.26
N LEU E 99 21.98 1.46 -25.09
CA LEU E 99 22.82 2.66 -25.02
C LEU E 99 24.14 2.45 -25.74
N THR E 100 24.66 1.23 -25.74
CA THR E 100 25.91 0.93 -26.43
C THR E 100 25.67 0.51 -27.87
N LEU E 101 24.46 0.59 -28.35
CA LEU E 101 24.12 0.00 -29.62
C LEU E 101 24.67 0.73 -30.86
N PRO E 102 24.54 2.06 -31.04
CA PRO E 102 25.06 2.62 -32.28
C PRO E 102 26.57 2.74 -32.28
N ILE E 103 27.19 2.82 -31.10
CA ILE E 103 28.65 2.88 -31.01
C ILE E 103 29.25 1.54 -31.45
N TRP E 104 28.67 0.44 -30.97
CA TRP E 104 29.06 -0.89 -31.42
C TRP E 104 28.66 -1.12 -32.86
N ALA E 105 27.62 -0.46 -33.33
CA ALA E 105 27.27 -0.52 -34.74
C ALA E 105 28.28 0.25 -35.60
N ALA E 106 28.89 1.29 -35.05
CA ALA E 106 29.90 2.03 -35.78
C ALA E 106 31.20 1.26 -35.95
N SER E 107 31.43 0.27 -35.09
CA SER E 107 32.63 -0.53 -35.18
C SER E 107 32.45 -1.78 -36.01
N LYS E 108 31.21 -2.16 -36.32
CA LYS E 108 31.02 -3.33 -37.16
C LYS E 108 31.35 -3.03 -38.62
N VAL E 109 31.18 -1.78 -39.04
CA VAL E 109 31.43 -1.41 -40.43
C VAL E 109 32.86 -0.93 -40.65
N ASN E 110 33.37 -0.07 -39.77
CA ASN E 110 34.64 0.59 -40.01
C ASN E 110 35.76 0.16 -39.09
N GLY E 111 35.50 -0.66 -38.08
CA GLY E 111 36.51 -1.01 -37.10
C GLY E 111 36.47 -0.07 -35.92
N TRP E 112 37.32 -0.36 -34.94
CA TRP E 112 37.27 0.42 -33.72
C TRP E 112 37.92 1.79 -33.91
N ILE E 113 37.36 2.79 -33.22
CA ILE E 113 37.59 4.19 -33.52
C ILE E 113 38.54 4.88 -32.56
N PHE E 114 38.65 4.42 -31.31
CA PHE E 114 39.31 5.19 -30.28
C PHE E 114 40.31 4.30 -29.54
N GLY E 115 40.79 4.79 -28.40
CA GLY E 115 41.79 4.09 -27.64
C GLY E 115 41.23 2.98 -26.77
N THR E 116 41.88 2.77 -25.63
CA THR E 116 41.53 1.65 -24.79
C THR E 116 40.44 1.98 -23.78
N PHE E 117 40.17 3.26 -23.52
CA PHE E 117 39.14 3.55 -22.54
C PHE E 117 37.75 3.36 -23.12
N LEU E 118 37.58 3.62 -24.42
CA LEU E 118 36.25 3.63 -25.00
C LEU E 118 35.68 2.22 -25.13
N CYS E 119 36.48 1.26 -25.55
CA CYS E 119 35.91 -0.06 -25.70
C CYS E 119 35.91 -0.84 -24.41
N LYS E 120 36.74 -0.47 -23.43
CA LYS E 120 36.77 -1.21 -22.18
C LYS E 120 35.54 -0.94 -21.34
N VAL E 121 34.90 0.21 -21.50
CA VAL E 121 33.74 0.52 -20.66
C VAL E 121 32.48 0.14 -21.43
N VAL E 122 32.52 0.28 -22.76
CA VAL E 122 31.34 -0.02 -23.56
C VAL E 122 31.15 -1.53 -23.65
N SER E 123 32.22 -2.27 -23.86
CA SER E 123 32.08 -3.71 -23.85
C SER E 123 32.04 -4.27 -22.43
N LEU E 124 32.40 -3.48 -21.42
CA LEU E 124 31.91 -3.78 -20.08
C LEU E 124 30.40 -3.62 -20.03
N LEU E 125 29.89 -2.54 -20.63
CA LEU E 125 28.48 -2.20 -20.51
C LEU E 125 27.61 -3.18 -21.27
N LYS E 126 28.16 -3.80 -22.30
CA LYS E 126 27.43 -4.86 -22.98
C LYS E 126 27.39 -6.11 -22.13
N GLU E 127 28.49 -6.49 -21.50
CA GLU E 127 28.53 -7.77 -20.84
C GLU E 127 28.00 -7.74 -19.41
N VAL E 128 27.85 -6.56 -18.81
CA VAL E 128 27.07 -6.54 -17.58
C VAL E 128 25.59 -6.67 -17.93
N ASN E 129 25.20 -6.24 -19.12
CA ASN E 129 23.82 -6.30 -19.54
C ASN E 129 23.48 -7.55 -20.31
N PHE E 130 24.46 -8.21 -20.90
CA PHE E 130 24.19 -9.52 -21.47
C PHE E 130 23.92 -10.55 -20.38
N TYR E 131 24.56 -10.42 -19.23
CA TYR E 131 24.32 -11.40 -18.18
C TYR E 131 23.13 -11.01 -17.32
N SER E 132 22.96 -9.73 -17.02
CA SER E 132 21.78 -9.33 -16.26
C SER E 132 20.52 -9.44 -17.11
N GLY E 133 20.65 -9.24 -18.42
CA GLY E 133 19.52 -9.43 -19.31
C GLY E 133 19.12 -10.86 -19.53
N ILE E 134 19.91 -11.82 -19.06
CA ILE E 134 19.57 -13.22 -19.14
C ILE E 134 19.28 -13.81 -17.76
N LEU E 135 20.00 -13.34 -16.74
CA LEU E 135 19.75 -13.89 -15.42
C LEU E 135 18.43 -13.41 -14.85
N LEU E 136 17.93 -12.27 -15.30
CA LEU E 136 16.60 -11.86 -14.90
C LEU E 136 15.54 -12.73 -15.55
N LEU E 137 15.79 -13.20 -16.77
CA LEU E 137 14.94 -14.20 -17.37
C LEU E 137 15.03 -15.53 -16.64
N ALA E 138 16.16 -15.79 -15.98
CA ALA E 138 16.31 -16.91 -15.08
C ALA E 138 15.81 -16.59 -13.69
N CYS E 139 15.40 -15.34 -13.45
CA CYS E 139 14.84 -14.91 -12.19
C CYS E 139 13.34 -14.69 -12.25
N ILE E 140 12.84 -14.19 -13.38
CA ILE E 140 11.39 -14.15 -13.60
C ILE E 140 10.84 -15.56 -13.64
N SER E 141 11.55 -16.47 -14.27
CA SER E 141 11.08 -17.84 -14.42
C SER E 141 11.04 -18.56 -13.08
N VAL E 142 11.99 -18.30 -12.19
CA VAL E 142 11.90 -18.94 -10.89
C VAL E 142 10.88 -18.23 -10.01
N ASP E 143 10.54 -16.99 -10.32
CA ASP E 143 9.43 -16.36 -9.62
C ASP E 143 8.10 -16.85 -10.15
N ARG E 144 8.04 -17.09 -11.44
CA ARG E 144 6.85 -17.64 -12.08
C ARG E 144 6.60 -19.08 -11.66
N TYR E 145 7.59 -19.76 -11.11
CA TYR E 145 7.33 -21.08 -10.57
C TYR E 145 6.80 -21.00 -9.15
N LEU E 146 7.29 -20.03 -8.38
CA LEU E 146 6.88 -19.91 -6.99
C LEU E 146 5.47 -19.35 -6.87
N ALA E 147 5.10 -18.44 -7.77
CA ALA E 147 3.80 -17.81 -7.70
C ALA E 147 2.67 -18.68 -8.21
N ILE E 148 2.96 -19.85 -8.77
CA ILE E 148 1.92 -20.70 -9.31
C ILE E 148 1.93 -22.08 -8.67
N VAL E 149 3.05 -22.78 -8.76
CA VAL E 149 3.08 -24.13 -8.23
C VAL E 149 3.08 -24.11 -6.71
N HIS E 150 3.89 -23.25 -6.12
CA HIS E 150 3.91 -23.10 -4.68
C HIS E 150 3.04 -21.91 -4.27
N ALA E 151 1.76 -22.02 -4.61
CA ALA E 151 0.79 -20.98 -4.30
C ALA E 151 0.19 -21.12 -2.91
N THR E 152 0.63 -22.08 -2.12
CA THR E 152 0.14 -22.21 -0.76
C THR E 152 1.21 -22.05 0.30
N ARG E 153 2.45 -22.44 0.03
CA ARG E 153 3.46 -22.51 1.08
C ARG E 153 4.59 -21.50 0.88
N THR E 154 5.28 -21.56 -0.25
CA THR E 154 6.44 -20.73 -0.49
C THR E 154 6.07 -19.52 -1.35
N LEU E 155 4.79 -19.15 -1.38
CA LEU E 155 4.42 -17.87 -1.98
C LEU E 155 4.89 -16.70 -1.14
N THR E 156 5.21 -16.95 0.14
CA THR E 156 5.78 -15.93 1.00
C THR E 156 7.16 -15.52 0.55
N GLN E 157 7.97 -16.48 0.11
CA GLN E 157 9.41 -16.24 -0.04
C GLN E 157 9.75 -15.33 -1.21
N LYS E 158 8.83 -15.12 -2.15
CA LYS E 158 9.18 -14.25 -3.26
C LYS E 158 9.09 -12.77 -2.89
N ARG E 159 8.09 -12.39 -2.09
CA ARG E 159 7.91 -10.98 -1.78
C ARG E 159 8.87 -10.51 -0.70
N TYR E 160 9.34 -11.42 0.14
CA TYR E 160 10.18 -11.04 1.26
C TYR E 160 11.56 -10.58 0.83
N LEU E 161 12.10 -11.17 -0.24
CA LEU E 161 13.50 -10.95 -0.62
C LEU E 161 13.64 -10.50 -2.08
N VAL E 162 12.59 -9.89 -2.64
CA VAL E 162 12.60 -9.56 -4.07
C VAL E 162 13.60 -8.48 -4.40
N LYS E 163 13.83 -7.55 -3.47
CA LYS E 163 14.90 -6.58 -3.67
C LYS E 163 16.26 -7.20 -3.42
N PHE E 164 16.32 -8.21 -2.56
CA PHE E 164 17.59 -8.86 -2.26
C PHE E 164 18.05 -9.76 -3.40
N ILE E 165 17.13 -10.46 -4.06
CA ILE E 165 17.53 -11.39 -5.11
C ILE E 165 17.84 -10.63 -6.39
N CYS E 166 17.18 -9.49 -6.63
CA CYS E 166 17.43 -8.71 -7.83
C CYS E 166 18.80 -8.05 -7.78
N LEU E 167 19.20 -7.58 -6.60
CA LEU E 167 20.54 -6.99 -6.48
C LEU E 167 21.62 -8.06 -6.54
N SER E 168 21.37 -9.24 -6.00
CA SER E 168 22.33 -10.32 -6.08
C SER E 168 22.43 -10.91 -7.48
N ILE E 169 21.42 -10.68 -8.32
CA ILE E 169 21.55 -11.03 -9.73
C ILE E 169 22.37 -9.97 -10.45
N TRP E 170 22.12 -8.70 -10.13
CA TRP E 170 22.92 -7.61 -10.68
C TRP E 170 24.35 -7.69 -10.20
N GLY E 171 24.55 -7.96 -8.90
CA GLY E 171 25.90 -8.11 -8.37
C GLY E 171 26.63 -9.31 -8.91
N LEU E 172 25.91 -10.34 -9.33
CA LEU E 172 26.55 -11.46 -10.03
C LEU E 172 27.04 -11.02 -11.39
N SER E 173 26.29 -10.14 -12.06
CA SER E 173 26.63 -9.77 -13.42
C SER E 173 27.84 -8.86 -13.47
N LEU E 174 28.06 -8.04 -12.44
CA LEU E 174 29.28 -7.27 -12.38
C LEU E 174 30.50 -8.16 -12.17
N LEU E 175 30.30 -9.29 -11.48
CA LEU E 175 31.41 -10.20 -11.22
C LEU E 175 31.85 -10.90 -12.51
N LEU E 176 30.90 -11.30 -13.35
CA LEU E 176 31.24 -11.95 -14.60
C LEU E 176 31.77 -10.96 -15.64
N ALA E 177 31.47 -9.69 -15.47
CA ALA E 177 31.92 -8.69 -16.43
C ALA E 177 33.20 -8.00 -16.00
N LEU E 178 33.67 -8.26 -14.78
CA LEU E 178 34.99 -7.82 -14.35
C LEU E 178 36.14 -8.45 -15.16
N PRO E 179 36.12 -9.73 -15.56
CA PRO E 179 37.15 -10.19 -16.50
C PRO E 179 37.03 -9.66 -17.91
N VAL E 180 35.98 -8.92 -18.25
CA VAL E 180 35.92 -8.21 -19.50
C VAL E 180 36.64 -6.86 -19.39
N LEU E 181 36.40 -6.13 -18.30
CA LEU E 181 37.13 -4.88 -18.06
C LEU E 181 38.61 -5.12 -17.84
N LEU E 182 38.96 -6.29 -17.28
CA LEU E 182 40.34 -6.54 -16.90
C LEU E 182 41.23 -6.76 -18.12
N PHE E 183 40.77 -7.55 -19.08
CA PHE E 183 41.62 -8.03 -20.15
C PHE E 183 41.56 -7.20 -21.42
N ARG E 184 40.68 -6.22 -21.50
CA ARG E 184 40.34 -5.60 -22.78
C ARG E 184 41.21 -4.39 -23.07
N ARG E 185 41.83 -4.39 -24.24
CA ARG E 185 42.48 -3.21 -24.80
C ARG E 185 42.59 -3.42 -26.30
N THR E 186 42.75 -2.31 -27.02
CA THR E 186 42.66 -2.32 -28.47
C THR E 186 43.86 -3.04 -29.09
N VAL E 187 43.58 -3.92 -30.04
CA VAL E 187 44.59 -4.77 -30.65
C VAL E 187 44.55 -4.57 -32.15
N TYR E 188 45.72 -4.25 -32.74
CA TYR E 188 45.88 -4.10 -34.17
C TYR E 188 46.52 -5.35 -34.76
N SER E 189 46.20 -5.62 -36.02
CA SER E 189 46.66 -6.83 -36.68
C SER E 189 46.62 -6.60 -38.20
N SER E 190 47.33 -7.46 -38.91
CA SER E 190 47.32 -7.38 -40.37
C SER E 190 45.98 -7.84 -40.90
N ASN E 191 45.64 -7.32 -42.09
CA ASN E 191 44.45 -7.57 -42.92
C ASN E 191 43.13 -7.65 -42.14
N VAL E 192 42.98 -6.83 -41.10
CA VAL E 192 41.72 -6.68 -40.40
C VAL E 192 41.70 -5.30 -39.76
N SER E 193 40.54 -4.64 -39.84
CA SER E 193 40.36 -3.42 -39.09
C SER E 193 40.33 -3.74 -37.60
N PRO E 194 40.97 -2.94 -36.76
CA PRO E 194 41.22 -3.35 -35.38
C PRO E 194 39.97 -3.29 -34.52
N ALA E 195 39.93 -4.18 -33.53
CA ALA E 195 38.85 -4.25 -32.55
C ALA E 195 39.39 -5.00 -31.35
N CYS E 196 39.02 -4.57 -30.16
CA CYS E 196 39.77 -4.94 -28.97
C CYS E 196 39.57 -6.41 -28.59
N TYR E 197 40.68 -7.02 -28.15
CA TYR E 197 40.73 -8.41 -27.75
C TYR E 197 41.25 -8.51 -26.33
N GLU E 198 41.07 -9.68 -25.73
CA GLU E 198 41.13 -9.82 -24.28
C GLU E 198 41.98 -11.01 -23.85
N ASP E 199 43.31 -10.83 -23.81
CA ASP E 199 44.30 -11.54 -23.00
C ASP E 199 45.68 -10.95 -23.28
N MET E 200 46.65 -11.33 -22.46
CA MET E 200 48.03 -10.89 -22.63
C MET E 200 48.95 -12.10 -22.54
N GLY E 201 49.79 -12.28 -23.57
CA GLY E 201 50.78 -13.33 -23.55
C GLY E 201 50.84 -14.17 -24.82
N ASN E 202 51.30 -15.41 -24.68
CA ASN E 202 51.29 -16.41 -25.73
C ASN E 202 50.03 -17.24 -25.70
N ASN E 203 49.38 -17.29 -24.54
CA ASN E 203 48.14 -18.01 -24.35
C ASN E 203 46.98 -17.05 -24.51
N THR E 204 47.11 -16.08 -25.41
CA THR E 204 46.05 -15.12 -25.64
C THR E 204 44.80 -15.78 -26.21
N ALA E 205 44.97 -16.55 -27.28
CA ALA E 205 43.85 -17.30 -27.82
C ALA E 205 43.47 -18.48 -26.93
N ASN E 206 44.43 -19.12 -26.28
CA ASN E 206 44.12 -20.31 -25.48
C ASN E 206 43.44 -19.98 -24.16
N TRP E 207 43.67 -18.79 -23.60
CA TRP E 207 42.94 -18.41 -22.40
C TRP E 207 41.68 -17.61 -22.69
N ARG E 208 41.56 -17.01 -23.87
CA ARG E 208 40.29 -16.38 -24.24
C ARG E 208 39.22 -17.41 -24.49
N MET E 209 39.62 -18.62 -24.85
CA MET E 209 38.68 -19.72 -24.89
C MET E 209 38.17 -20.06 -23.49
N LEU E 210 39.03 -19.97 -22.47
CA LEU E 210 38.57 -20.26 -21.12
C LEU E 210 37.63 -19.17 -20.63
N LEU E 211 37.96 -17.91 -20.90
CA LEU E 211 37.05 -16.82 -20.57
C LEU E 211 35.82 -16.79 -21.48
N ARG E 212 35.84 -17.52 -22.59
CA ARG E 212 34.59 -17.65 -23.34
C ARG E 212 33.70 -18.72 -22.72
N ILE E 213 34.19 -19.97 -22.65
CA ILE E 213 33.31 -21.11 -22.46
C ILE E 213 32.72 -21.13 -21.06
N LEU E 214 33.44 -20.63 -20.07
CA LEU E 214 32.93 -20.81 -18.72
C LEU E 214 31.81 -19.83 -18.38
N PRO E 215 31.91 -18.51 -18.63
CA PRO E 215 30.75 -17.66 -18.31
C PRO E 215 29.70 -17.59 -19.40
N GLN E 216 30.02 -17.91 -20.66
CA GLN E 216 28.97 -18.00 -21.66
C GLN E 216 28.26 -19.34 -21.63
N SER E 217 28.72 -20.28 -20.82
CA SER E 217 27.81 -21.37 -20.44
C SER E 217 27.06 -21.01 -19.17
N PHE E 218 27.76 -20.44 -18.19
CA PHE E 218 27.15 -19.99 -16.94
C PHE E 218 26.16 -18.86 -17.17
N GLY E 219 26.29 -18.13 -18.28
CA GLY E 219 25.25 -17.23 -18.70
C GLY E 219 24.23 -17.80 -19.63
N PHE E 220 24.42 -19.04 -20.12
CA PHE E 220 23.42 -19.65 -20.99
C PHE E 220 22.91 -20.99 -20.49
N ILE E 221 23.79 -21.94 -20.18
CA ILE E 221 23.28 -23.26 -19.81
C ILE E 221 22.75 -23.25 -18.39
N VAL E 222 23.11 -22.27 -17.56
CA VAL E 222 22.48 -22.18 -16.26
C VAL E 222 21.09 -21.56 -16.37
N PRO E 223 20.85 -20.45 -17.10
CA PRO E 223 19.47 -20.03 -17.29
C PRO E 223 18.64 -20.96 -18.14
N LEU E 224 19.23 -21.68 -19.09
CA LEU E 224 18.41 -22.60 -19.86
C LEU E 224 18.06 -23.84 -19.06
N LEU E 225 18.86 -24.20 -18.08
CA LEU E 225 18.47 -25.34 -17.27
C LEU E 225 17.45 -24.92 -16.22
N ILE E 226 17.53 -23.68 -15.75
CA ILE E 226 16.61 -23.27 -14.71
C ILE E 226 15.29 -22.80 -15.29
N MET E 227 15.24 -22.51 -16.59
CA MET E 227 13.95 -22.21 -17.18
C MET E 227 13.23 -23.48 -17.60
N LEU E 228 13.95 -24.48 -18.06
CA LEU E 228 13.29 -25.72 -18.45
C LEU E 228 13.04 -26.66 -17.29
N PHE E 229 13.44 -26.30 -16.07
CA PHE E 229 13.11 -27.09 -14.90
C PHE E 229 12.13 -26.38 -14.00
N CYS E 230 11.72 -25.16 -14.34
CA CYS E 230 10.69 -24.46 -13.62
C CYS E 230 9.47 -24.17 -14.47
N TYR E 231 9.65 -23.80 -15.73
CA TYR E 231 8.50 -23.71 -16.62
C TYR E 231 7.95 -25.07 -16.98
N GLY E 232 8.71 -26.14 -16.79
CA GLY E 232 8.14 -27.47 -16.92
C GLY E 232 7.21 -27.80 -15.78
N PHE E 233 7.62 -27.48 -14.55
CA PHE E 233 6.74 -27.70 -13.41
C PHE E 233 5.58 -26.72 -13.40
N THR E 234 5.78 -25.53 -13.95
CA THR E 234 4.65 -24.61 -14.07
C THR E 234 3.65 -25.13 -15.09
N LEU E 235 4.12 -25.55 -16.25
CA LEU E 235 3.20 -26.12 -17.24
C LEU E 235 2.69 -27.50 -16.86
N ARG E 236 3.24 -28.12 -15.80
CA ARG E 236 2.60 -29.30 -15.26
C ARG E 236 1.29 -28.93 -14.57
N THR E 237 1.30 -27.91 -13.72
CA THR E 237 0.09 -27.61 -12.96
C THR E 237 -0.94 -26.86 -13.79
N LEU E 238 -0.50 -26.04 -14.75
CA LEU E 238 -1.45 -25.34 -15.60
C LEU E 238 -2.20 -26.30 -16.51
N PHE E 239 -1.60 -27.44 -16.82
CA PHE E 239 -2.33 -28.49 -17.52
C PHE E 239 -3.28 -29.24 -16.60
N LYS E 240 -3.08 -29.15 -15.29
CA LYS E 240 -3.91 -29.90 -14.36
C LYS E 240 -5.07 -29.07 -13.83
N ALA E 241 -4.80 -27.84 -13.38
CA ALA E 241 -5.84 -26.97 -12.89
C ALA E 241 -6.72 -26.49 -14.03
N HIS E 242 -8.00 -26.29 -13.73
CA HIS E 242 -9.00 -26.00 -14.76
C HIS E 242 -9.64 -24.65 -14.48
N MET E 243 -9.02 -23.59 -14.99
CA MET E 243 -9.63 -22.27 -14.99
C MET E 243 -10.09 -21.94 -16.40
N GLY E 244 -10.51 -20.69 -16.59
CA GLY E 244 -11.06 -20.28 -17.87
C GLY E 244 -10.02 -20.02 -18.92
N GLN E 245 -8.83 -19.56 -18.53
CA GLN E 245 -7.84 -19.10 -19.48
C GLN E 245 -6.49 -19.74 -19.24
N LYS E 246 -6.48 -21.06 -19.09
CA LYS E 246 -5.25 -21.80 -19.23
C LYS E 246 -4.90 -22.06 -20.70
N HIS E 247 -5.84 -21.81 -21.61
CA HIS E 247 -5.54 -21.97 -23.03
C HIS E 247 -4.58 -20.89 -23.51
N ARG E 248 -4.57 -19.73 -22.85
CA ARG E 248 -3.71 -18.62 -23.22
C ARG E 248 -2.45 -18.53 -22.40
N ALA E 249 -2.49 -18.93 -21.13
CA ALA E 249 -1.29 -18.85 -20.31
C ALA E 249 -0.28 -19.91 -20.69
N MET E 250 -0.73 -21.05 -21.21
CA MET E 250 0.21 -22.01 -21.75
C MET E 250 0.79 -21.53 -23.07
N ARG E 251 0.02 -20.75 -23.83
CA ARG E 251 0.49 -20.20 -25.10
C ARG E 251 1.55 -19.12 -24.92
N VAL E 252 1.76 -18.61 -23.70
CA VAL E 252 2.83 -17.64 -23.50
C VAL E 252 4.08 -18.34 -22.99
N ILE E 253 3.91 -19.29 -22.08
CA ILE E 253 5.05 -20.02 -21.53
C ILE E 253 5.72 -20.86 -22.60
N PHE E 254 4.92 -21.47 -23.49
CA PHE E 254 5.49 -22.17 -24.63
C PHE E 254 6.14 -21.22 -25.62
N ALA E 255 5.81 -19.92 -25.56
CA ALA E 255 6.42 -18.94 -26.44
C ALA E 255 7.63 -18.27 -25.82
N VAL E 256 7.68 -18.15 -24.50
CA VAL E 256 8.80 -17.52 -23.82
C VAL E 256 10.05 -18.38 -23.92
N VAL E 257 9.91 -19.69 -23.78
CA VAL E 257 11.09 -20.54 -23.96
C VAL E 257 11.46 -20.62 -25.44
N LEU E 258 10.46 -20.68 -26.32
CA LEU E 258 10.72 -20.79 -27.75
C LEU E 258 11.05 -19.45 -28.39
N ILE E 259 11.35 -18.42 -27.62
CA ILE E 259 12.05 -17.25 -28.12
C ILE E 259 13.43 -17.12 -27.50
N PHE E 260 13.57 -17.52 -26.24
CA PHE E 260 14.88 -17.53 -25.62
C PHE E 260 15.73 -18.65 -26.19
N LEU E 261 15.10 -19.69 -26.72
CA LEU E 261 15.80 -20.68 -27.51
C LEU E 261 15.98 -20.27 -28.97
N LEU E 262 15.23 -19.26 -29.42
CA LEU E 262 15.48 -18.76 -30.77
C LEU E 262 16.62 -17.77 -30.77
N CYS E 263 16.83 -17.06 -29.67
CA CYS E 263 17.75 -15.93 -29.68
C CYS E 263 19.15 -16.28 -29.20
N TRP E 264 19.29 -17.17 -28.23
CA TRP E 264 20.60 -17.44 -27.69
C TRP E 264 21.06 -18.88 -27.86
N LEU E 265 20.23 -19.78 -28.33
CA LEU E 265 20.74 -21.10 -28.69
C LEU E 265 21.54 -21.09 -30.00
N PRO E 266 21.13 -20.40 -31.08
CA PRO E 266 22.05 -20.32 -32.23
C PRO E 266 23.30 -19.51 -31.95
N TYR E 267 23.27 -18.55 -31.03
CA TYR E 267 24.49 -17.81 -30.75
C TYR E 267 25.48 -18.65 -29.98
N ASN E 268 25.01 -19.51 -29.09
CA ASN E 268 25.90 -20.31 -28.27
C ASN E 268 26.05 -21.71 -28.80
N LEU E 269 25.58 -21.98 -30.01
CA LEU E 269 26.01 -23.19 -30.69
C LEU E 269 27.20 -22.93 -31.60
N VAL E 270 27.19 -21.85 -32.36
CA VAL E 270 28.32 -21.55 -33.22
C VAL E 270 29.46 -20.91 -32.43
N LEU E 271 29.16 -20.34 -31.26
CA LEU E 271 30.23 -20.02 -30.34
C LEU E 271 30.78 -21.27 -29.69
N LEU E 272 30.00 -22.33 -29.64
CA LEU E 272 30.59 -23.60 -29.28
C LEU E 272 31.29 -24.25 -30.46
N ALA E 273 30.94 -23.85 -31.69
CA ALA E 273 31.51 -24.51 -32.86
C ALA E 273 32.98 -24.15 -33.05
N ASP E 274 33.33 -22.87 -32.96
CA ASP E 274 34.74 -22.53 -33.14
C ASP E 274 35.58 -22.98 -31.96
N THR E 275 34.98 -23.15 -30.80
CA THR E 275 35.68 -23.73 -29.67
C THR E 275 36.10 -25.17 -29.97
N LEU E 276 35.23 -25.93 -30.62
CA LEU E 276 35.63 -27.25 -31.08
C LEU E 276 36.55 -27.16 -32.29
N MET E 277 36.48 -26.07 -33.05
CA MET E 277 37.33 -25.94 -34.22
C MET E 277 38.78 -25.73 -33.82
N ARG E 278 39.01 -24.86 -32.83
CA ARG E 278 40.36 -24.44 -32.54
C ARG E 278 41.19 -25.53 -31.90
N THR E 279 40.58 -26.45 -31.16
CA THR E 279 41.41 -27.42 -30.45
C THR E 279 41.79 -28.63 -31.31
N GLN E 280 40.85 -29.55 -31.53
CA GLN E 280 41.20 -30.76 -32.26
C GLN E 280 40.07 -31.26 -33.13
N VAL E 281 38.84 -30.92 -32.77
CA VAL E 281 37.68 -31.73 -33.16
C VAL E 281 37.31 -31.50 -34.62
N ILE E 282 37.10 -30.26 -35.00
CA ILE E 282 36.68 -29.95 -36.36
C ILE E 282 37.93 -29.78 -37.22
N GLN E 283 37.92 -30.39 -38.41
CA GLN E 283 38.95 -30.10 -39.39
C GLN E 283 38.75 -28.69 -39.95
N GLU E 284 39.84 -28.00 -40.20
CA GLU E 284 39.81 -26.56 -40.47
C GLU E 284 40.21 -26.28 -41.91
N THR E 285 39.29 -25.68 -42.66
CA THR E 285 39.56 -25.16 -43.99
C THR E 285 39.40 -23.64 -43.95
N CYS E 286 39.62 -22.99 -45.09
CA CYS E 286 39.51 -21.54 -45.14
C CYS E 286 38.12 -21.08 -45.55
N GLU E 287 37.29 -21.97 -46.06
CA GLU E 287 35.89 -21.64 -46.32
C GLU E 287 35.00 -22.03 -45.15
N ARG E 288 35.42 -22.99 -44.33
CA ARG E 288 34.63 -23.38 -43.18
C ARG E 288 34.70 -22.32 -42.09
N ARG E 289 35.92 -21.86 -41.78
CA ARG E 289 36.10 -20.78 -40.83
C ARG E 289 35.48 -19.49 -41.32
N ASN E 290 35.54 -19.24 -42.63
CA ASN E 290 34.86 -18.09 -43.20
C ASN E 290 33.35 -18.25 -43.12
N HIS E 291 32.85 -19.48 -43.14
CA HIS E 291 31.43 -19.69 -42.95
C HIS E 291 31.04 -19.54 -41.48
N ILE E 292 31.90 -19.98 -40.57
CA ILE E 292 31.67 -19.76 -39.15
C ILE E 292 31.72 -18.28 -38.82
N ASP E 293 32.67 -17.56 -39.44
CA ASP E 293 32.66 -16.11 -39.40
C ASP E 293 31.37 -15.55 -39.98
N ARG E 294 30.93 -16.10 -41.12
CA ARG E 294 29.67 -15.65 -41.68
C ARG E 294 28.47 -16.19 -40.92
N ALA E 295 28.66 -17.15 -40.01
CA ALA E 295 27.57 -17.55 -39.14
C ALA E 295 27.55 -16.75 -37.86
N LEU E 296 28.73 -16.42 -37.33
CA LEU E 296 28.83 -15.79 -36.02
C LEU E 296 28.23 -14.40 -35.99
N ASP E 297 28.40 -13.64 -37.06
CA ASP E 297 27.81 -12.32 -37.13
C ASP E 297 26.32 -12.38 -37.37
N ALA E 298 25.84 -13.46 -37.99
CA ALA E 298 24.43 -13.62 -38.25
C ALA E 298 23.64 -13.90 -36.98
N THR E 299 24.22 -14.66 -36.05
CA THR E 299 23.53 -14.99 -34.82
C THR E 299 23.69 -13.93 -33.74
N GLU E 300 24.60 -12.99 -33.89
CA GLU E 300 24.54 -11.83 -33.01
C GLU E 300 23.53 -10.82 -33.51
N ILE E 301 23.10 -10.92 -34.77
CA ILE E 301 21.86 -10.27 -35.15
C ILE E 301 20.68 -10.97 -34.48
N LEU E 302 20.77 -12.28 -34.34
CA LEU E 302 19.78 -13.01 -33.54
C LEU E 302 19.88 -12.70 -32.07
N GLY E 303 21.04 -12.27 -31.60
CA GLY E 303 21.22 -11.96 -30.20
C GLY E 303 20.79 -10.56 -29.85
N ILE E 304 20.91 -9.65 -30.81
CA ILE E 304 20.47 -8.29 -30.55
C ILE E 304 18.96 -8.17 -30.72
N LEU E 305 18.34 -9.04 -31.53
CA LEU E 305 16.88 -9.01 -31.59
C LEU E 305 16.25 -9.68 -30.39
N HIS E 306 17.04 -10.24 -29.48
CA HIS E 306 16.52 -10.56 -28.16
C HIS E 306 16.17 -9.29 -27.40
N SER E 307 16.92 -8.23 -27.63
CA SER E 307 16.58 -6.94 -27.05
C SER E 307 15.49 -6.21 -27.82
N CYS E 308 15.08 -6.74 -28.97
CA CYS E 308 14.01 -6.14 -29.74
C CYS E 308 12.68 -6.29 -29.04
N LEU E 309 12.23 -7.52 -28.90
CA LEU E 309 10.88 -7.80 -28.42
C LEU E 309 10.88 -8.42 -27.03
N ASN E 310 11.95 -8.18 -26.28
CA ASN E 310 11.92 -8.51 -24.86
C ASN E 310 10.85 -7.77 -24.07
N PRO E 311 10.55 -6.48 -24.29
CA PRO E 311 9.35 -5.94 -23.65
C PRO E 311 8.06 -6.37 -24.29
N LEU E 312 8.11 -6.88 -25.53
CA LEU E 312 6.88 -7.27 -26.20
C LEU E 312 6.30 -8.52 -25.57
N ILE E 313 7.13 -9.53 -25.33
CA ILE E 313 6.62 -10.81 -24.87
C ILE E 313 6.50 -10.85 -23.35
N TYR E 314 7.29 -10.06 -22.63
CA TYR E 314 7.24 -10.21 -21.18
C TYR E 314 6.28 -9.25 -20.51
N ALA E 315 6.19 -8.03 -21.02
CA ALA E 315 5.32 -7.03 -20.41
C ALA E 315 4.02 -6.88 -21.17
N PHE E 316 4.09 -6.60 -22.46
CA PHE E 316 2.91 -6.19 -23.21
C PHE E 316 2.09 -7.35 -23.71
N ILE E 317 2.15 -8.51 -23.05
CA ILE E 317 1.25 -9.60 -23.33
C ILE E 317 0.09 -9.63 -22.34
N GLY E 318 0.39 -9.44 -21.06
CA GLY E 318 -0.63 -9.55 -20.04
C GLY E 318 -1.61 -8.40 -20.06
N GLN E 319 -2.72 -8.62 -19.35
CA GLN E 319 -3.78 -7.65 -19.26
C GLN E 319 -3.41 -6.45 -18.40
N LYS E 320 -2.32 -6.52 -17.63
CA LYS E 320 -1.97 -5.43 -16.75
C LYS E 320 -1.42 -4.25 -17.54
N PHE E 321 -0.36 -4.47 -18.30
CA PHE E 321 0.22 -3.38 -19.08
C PHE E 321 -0.61 -3.04 -20.30
N ARG E 322 -1.45 -3.96 -20.75
CA ARG E 322 -2.44 -3.59 -21.75
C ARG E 322 -3.49 -2.68 -21.14
N HIS E 323 -3.73 -2.77 -19.84
CA HIS E 323 -4.57 -1.78 -19.19
C HIS E 323 -3.75 -0.62 -18.66
N GLY E 324 -2.44 -0.74 -18.62
CA GLY E 324 -1.60 0.32 -18.10
C GLY E 324 -1.28 1.38 -19.14
N LEU E 325 -0.92 0.93 -20.34
CA LEU E 325 -0.46 1.86 -21.37
C LEU E 325 -1.62 2.66 -21.94
N LEU E 326 -2.76 2.02 -22.15
CA LEU E 326 -3.94 2.73 -22.62
C LEU E 326 -4.55 3.62 -21.54
N LYS E 327 -4.14 3.47 -20.28
CA LYS E 327 -4.56 4.40 -19.25
C LYS E 327 -3.89 5.76 -19.42
N ILE E 328 -2.59 5.77 -19.72
CA ILE E 328 -1.85 7.02 -19.80
C ILE E 328 -2.13 7.76 -21.10
N LEU E 329 -2.48 7.03 -22.16
CA LEU E 329 -2.91 7.68 -23.40
C LEU E 329 -4.25 8.39 -23.20
N ALA E 330 -5.12 7.85 -22.35
CA ALA E 330 -6.42 8.47 -22.13
C ALA E 330 -6.28 9.80 -21.38
N ILE E 331 -5.43 9.84 -20.35
CA ILE E 331 -5.24 11.06 -19.59
C ILE E 331 -4.24 12.01 -20.25
N HIS E 332 -3.58 11.59 -21.31
CA HIS E 332 -2.67 12.46 -22.04
C HIS E 332 -2.79 12.23 -23.53
N VAL F 2 -0.44 0.92 37.77
CA VAL F 2 0.76 1.06 36.95
C VAL F 2 1.95 1.42 37.83
N GLN F 3 3.08 0.75 37.64
CA GLN F 3 4.26 1.05 38.44
C GLN F 3 5.51 0.59 37.72
N LEU F 4 6.64 1.17 38.12
CA LEU F 4 7.96 0.83 37.59
C LEU F 4 8.86 0.59 38.78
N VAL F 5 8.81 -0.59 39.33
CA VAL F 5 9.70 -0.92 40.43
C VAL F 5 11.04 -1.32 39.84
N GLU F 6 12.13 -1.00 40.54
CA GLU F 6 13.46 -1.27 40.04
C GLU F 6 14.37 -1.69 41.18
N SER F 7 15.46 -2.36 40.82
CA SER F 7 16.32 -2.99 41.79
C SER F 7 17.76 -2.93 41.31
N GLY F 8 18.66 -3.29 42.21
CA GLY F 8 20.09 -3.20 41.96
C GLY F 8 20.71 -2.13 42.83
N GLY F 9 22.01 -1.95 42.65
CA GLY F 9 22.73 -0.95 43.39
C GLY F 9 23.45 -1.50 44.59
N GLY F 10 23.20 -0.93 45.75
CA GLY F 10 23.84 -1.36 46.99
C GLY F 10 25.13 -0.59 47.27
N LEU F 11 26.27 -1.27 47.14
CA LEU F 11 27.56 -0.66 47.43
C LEU F 11 28.55 -1.31 46.48
N VAL F 12 29.22 -0.49 45.67
CA VAL F 12 30.07 -0.97 44.60
C VAL F 12 31.44 -0.32 44.73
N GLN F 13 32.49 -1.13 44.65
CA GLN F 13 33.85 -0.59 44.61
C GLN F 13 34.11 0.09 43.27
N PRO F 14 34.85 1.20 43.26
CA PRO F 14 34.97 2.00 42.06
C PRO F 14 35.85 1.34 41.01
N GLY F 15 35.48 1.59 39.76
CA GLY F 15 36.03 0.85 38.65
C GLY F 15 35.30 -0.43 38.35
N GLY F 16 34.37 -0.85 39.20
CA GLY F 16 33.66 -2.10 39.03
C GLY F 16 32.48 -1.98 38.11
N SER F 17 31.44 -2.75 38.40
CA SER F 17 30.27 -2.75 37.56
C SER F 17 29.06 -3.19 38.36
N ARG F 18 27.89 -2.75 37.90
CA ARG F 18 26.63 -3.12 38.53
C ARG F 18 25.53 -3.01 37.50
N LYS F 19 24.70 -4.03 37.41
CA LYS F 19 23.60 -4.05 36.46
C LYS F 19 22.34 -3.55 37.14
N LEU F 20 21.72 -2.55 36.55
CA LEU F 20 20.51 -1.94 37.09
C LEU F 20 19.31 -2.40 36.27
N SER F 21 18.33 -2.98 36.95
CA SER F 21 17.13 -3.47 36.30
C SER F 21 15.93 -2.63 36.70
N CYS F 22 15.05 -2.35 35.74
CA CYS F 22 13.81 -1.63 36.00
C CYS F 22 12.66 -2.46 35.46
N SER F 23 11.99 -3.19 36.34
CA SER F 23 10.92 -4.11 35.94
C SER F 23 9.61 -3.35 35.90
N ALA F 24 9.17 -2.99 34.70
CA ALA F 24 8.01 -2.13 34.52
C ALA F 24 6.77 -2.96 34.28
N SER F 25 5.92 -3.05 35.28
CA SER F 25 4.72 -3.87 35.20
C SER F 25 3.50 -2.98 35.28
N GLY F 26 2.61 -3.10 34.31
CA GLY F 26 1.34 -2.43 34.40
C GLY F 26 0.87 -1.78 33.13
N PHE F 27 1.72 -1.69 32.11
CA PHE F 27 1.33 -1.01 30.90
C PHE F 27 1.85 -1.79 29.70
N ALA F 28 1.74 -1.15 28.54
CA ALA F 28 2.31 -1.65 27.31
C ALA F 28 3.71 -1.10 27.19
N PHE F 29 4.71 -1.95 27.39
CA PHE F 29 6.07 -1.47 27.48
C PHE F 29 6.62 -1.04 26.15
N SER F 30 6.26 -1.75 25.08
CA SER F 30 6.99 -1.61 23.83
C SER F 30 6.74 -0.28 23.13
N SER F 31 5.83 0.53 23.63
CA SER F 31 5.54 1.82 23.03
C SER F 31 6.14 2.97 23.82
N PHE F 32 6.86 2.69 24.89
CA PHE F 32 7.33 3.72 25.80
C PHE F 32 8.83 3.87 25.68
N GLY F 33 9.28 5.00 25.17
CA GLY F 33 10.68 5.26 25.15
C GLY F 33 11.19 5.56 26.54
N MET F 34 11.96 4.67 27.12
CA MET F 34 12.37 4.82 28.50
C MET F 34 13.59 5.71 28.62
N HIS F 35 13.69 6.39 29.74
CA HIS F 35 14.84 7.22 30.06
C HIS F 35 15.52 6.67 31.29
N TRP F 36 16.46 7.42 31.82
CA TRP F 36 17.09 7.09 33.08
C TRP F 36 17.62 8.38 33.64
N VAL F 37 17.11 8.82 34.77
CA VAL F 37 17.49 10.11 35.34
C VAL F 37 18.06 9.86 36.71
N ARG F 38 19.19 10.46 37.02
CA ARG F 38 19.80 10.25 38.32
C ARG F 38 19.71 11.51 39.17
N GLN F 39 19.99 11.36 40.45
CA GLN F 39 19.92 12.47 41.40
C GLN F 39 21.03 12.30 42.41
N ALA F 40 22.02 13.19 42.36
CA ALA F 40 23.05 13.20 43.37
C ALA F 40 22.46 13.60 44.73
N PRO F 41 22.96 13.04 45.83
CA PRO F 41 22.26 13.18 47.12
C PRO F 41 22.25 14.58 47.69
N GLU F 42 23.07 15.49 47.17
CA GLU F 42 22.97 16.88 47.53
C GLU F 42 22.56 17.75 46.35
N LYS F 43 22.64 17.25 45.14
CA LYS F 43 22.43 18.06 43.96
C LYS F 43 21.08 17.74 43.35
N GLY F 44 20.84 18.29 42.17
CA GLY F 44 19.54 18.20 41.54
C GLY F 44 19.37 16.94 40.74
N LEU F 45 18.81 17.08 39.54
CA LEU F 45 18.64 15.97 38.62
C LEU F 45 19.52 16.18 37.42
N GLU F 46 20.07 15.10 36.90
CA GLU F 46 20.83 15.13 35.67
C GLU F 46 20.34 14.00 34.80
N TRP F 47 20.27 14.23 33.50
CA TRP F 47 19.89 13.16 32.59
C TRP F 47 21.06 12.22 32.40
N VAL F 48 20.76 10.93 32.24
CA VAL F 48 21.79 9.89 32.16
C VAL F 48 21.69 9.10 30.85
N ALA F 49 20.51 8.64 30.51
CA ALA F 49 20.40 7.75 29.36
C ALA F 49 19.02 7.91 28.75
N TYR F 50 18.80 7.22 27.64
CA TYR F 50 17.52 7.17 26.96
C TYR F 50 17.59 6.06 25.95
N ILE F 51 16.51 5.29 25.84
CA ILE F 51 16.37 4.35 24.75
C ILE F 51 14.97 4.50 24.18
N SER F 52 14.85 4.53 22.87
CA SER F 52 13.58 4.84 22.26
C SER F 52 12.67 3.61 22.23
N SER F 53 11.59 3.70 21.49
CA SER F 53 10.69 2.58 21.35
C SER F 53 11.30 1.56 20.41
N GLY F 54 11.27 0.30 20.81
CA GLY F 54 11.84 -0.73 19.96
C GLY F 54 13.33 -0.69 19.87
N SER F 55 14.00 -0.05 20.84
CA SER F 55 15.45 0.01 20.97
C SER F 55 16.12 0.62 19.75
N GLY F 56 15.44 1.56 19.10
CA GLY F 56 15.93 2.11 17.87
C GLY F 56 16.99 3.16 18.05
N THR F 57 16.67 4.22 18.81
CA THR F 57 17.57 5.35 18.99
C THR F 57 17.99 5.41 20.44
N ILE F 58 19.29 5.49 20.68
CA ILE F 58 19.84 5.53 22.01
C ILE F 58 20.76 6.72 22.11
N TYR F 59 20.45 7.66 22.99
CA TYR F 59 21.36 8.75 23.25
C TYR F 59 22.05 8.50 24.58
N TYR F 60 22.95 9.41 24.96
CA TYR F 60 23.61 9.32 26.25
C TYR F 60 23.99 10.70 26.72
N ALA F 61 24.33 10.81 27.99
CA ALA F 61 24.84 12.07 28.48
C ALA F 61 26.30 12.20 28.11
N ASP F 62 26.89 13.37 28.39
CA ASP F 62 28.31 13.53 28.11
C ASP F 62 29.16 12.86 29.16
N THR F 63 28.73 12.91 30.42
CA THR F 63 29.52 12.37 31.51
C THR F 63 29.57 10.85 31.47
N VAL F 64 28.49 10.21 31.06
CA VAL F 64 28.40 8.77 31.12
C VAL F 64 28.53 8.14 29.74
N LYS F 65 29.05 8.87 28.76
CA LYS F 65 29.08 8.36 27.39
C LYS F 65 30.07 7.22 27.27
N GLY F 66 29.60 6.11 26.72
CA GLY F 66 30.45 4.98 26.43
C GLY F 66 30.66 4.00 27.55
N ARG F 67 30.70 4.47 28.79
CA ARG F 67 30.92 3.57 29.91
C ARG F 67 29.62 3.12 30.56
N PHE F 68 28.48 3.69 30.17
CA PHE F 68 27.18 3.27 30.63
C PHE F 68 26.45 2.67 29.43
N THR F 69 26.06 1.42 29.50
CA THR F 69 25.32 0.84 28.39
C THR F 69 23.93 0.46 28.82
N ILE F 70 22.98 0.64 27.90
CA ILE F 70 21.56 0.49 28.19
C ILE F 70 21.00 -0.59 27.27
N SER F 71 19.94 -1.25 27.73
CA SER F 71 19.31 -2.30 26.95
C SER F 71 17.89 -2.50 27.44
N ARG F 72 17.02 -2.86 26.50
CA ARG F 72 15.63 -3.11 26.78
C ARG F 72 15.32 -4.58 26.51
N ASP F 73 14.34 -5.09 27.24
CA ASP F 73 13.89 -6.48 27.10
C ASP F 73 12.38 -6.45 27.03
N ASP F 74 11.85 -6.43 25.79
CA ASP F 74 10.40 -6.28 25.63
C ASP F 74 9.59 -7.47 26.13
N PRO F 75 9.91 -8.74 25.81
CA PRO F 75 9.07 -9.81 26.36
C PRO F 75 9.26 -10.03 27.84
N LYS F 76 10.47 -9.87 28.35
CA LYS F 76 10.66 -10.00 29.79
C LYS F 76 10.18 -8.77 30.54
N ASN F 77 9.81 -7.71 29.82
CA ASN F 77 9.19 -6.49 30.35
C ASN F 77 10.07 -5.80 31.39
N THR F 78 11.36 -5.71 31.08
CA THR F 78 12.34 -5.16 32.00
C THR F 78 13.32 -4.28 31.21
N LEU F 79 13.90 -3.31 31.91
CA LEU F 79 14.84 -2.36 31.33
C LEU F 79 16.17 -2.45 32.07
N PHE F 80 17.26 -2.58 31.33
CA PHE F 80 18.57 -2.85 31.90
C PHE F 80 19.54 -1.71 31.60
N LEU F 81 20.19 -1.19 32.64
CA LEU F 81 21.27 -0.23 32.50
C LEU F 81 22.50 -0.82 33.13
N GLN F 82 23.50 -1.15 32.31
CA GLN F 82 24.74 -1.73 32.78
C GLN F 82 25.82 -0.66 32.80
N MET F 83 26.49 -0.54 33.94
CA MET F 83 27.46 0.52 34.16
C MET F 83 28.84 -0.08 34.30
N THR F 84 29.73 0.28 33.41
CA THR F 84 31.10 -0.23 33.42
C THR F 84 32.02 0.86 33.94
N SER F 85 32.79 0.52 34.98
CA SER F 85 33.88 1.35 35.51
C SER F 85 33.36 2.71 35.96
N LEU F 86 32.57 2.67 37.01
CA LEU F 86 32.05 3.90 37.57
C LEU F 86 33.14 4.66 38.31
N ARG F 87 32.92 5.94 38.45
CA ARG F 87 33.78 6.78 39.26
C ARG F 87 33.08 7.06 40.59
N SER F 88 33.65 7.96 41.38
CA SER F 88 33.00 8.36 42.62
C SER F 88 32.00 9.48 42.40
N GLU F 89 31.90 9.99 41.19
CA GLU F 89 30.93 11.01 40.86
C GLU F 89 29.65 10.43 40.28
N ASP F 90 29.41 9.13 40.49
CA ASP F 90 28.19 8.50 40.00
C ASP F 90 27.33 7.99 41.13
N THR F 91 27.68 8.27 42.37
CA THR F 91 26.85 7.84 43.49
C THR F 91 25.62 8.74 43.56
N ALA F 92 24.45 8.13 43.41
CA ALA F 92 23.22 8.86 43.21
C ALA F 92 22.06 7.92 43.40
N MET F 93 20.86 8.50 43.46
CA MET F 93 19.64 7.74 43.33
C MET F 93 19.26 7.73 41.86
N TYR F 94 18.96 6.56 41.32
CA TYR F 94 18.67 6.44 39.90
C TYR F 94 17.19 6.24 39.72
N TYR F 95 16.60 6.99 38.80
CA TYR F 95 15.18 6.92 38.51
C TYR F 95 14.97 6.36 37.12
N CYS F 96 13.95 5.54 36.96
CA CYS F 96 13.63 4.89 35.70
C CYS F 96 12.33 5.49 35.22
N VAL F 97 12.39 6.40 34.28
CA VAL F 97 11.19 7.12 33.91
C VAL F 97 10.80 6.75 32.49
N ARG F 98 9.55 7.01 32.18
CA ARG F 98 8.98 6.61 30.92
C ARG F 98 8.48 7.83 30.17
N SER F 99 8.36 7.68 28.87
CA SER F 99 8.01 8.81 28.04
C SER F 99 7.58 8.27 26.70
N ILE F 100 6.48 8.77 26.19
CA ILE F 100 5.99 8.38 24.89
C ILE F 100 5.78 9.64 24.08
N TYR F 101 6.20 9.62 22.81
CA TYR F 101 6.38 10.84 22.03
C TYR F 101 5.52 10.82 20.79
N TYR F 102 4.36 11.45 20.82
CA TYR F 102 3.59 11.68 19.61
C TYR F 102 3.06 13.09 19.70
N TYR F 103 2.10 13.43 18.85
CA TYR F 103 1.51 14.75 18.95
C TYR F 103 0.58 14.79 20.15
N GLY F 104 0.82 15.72 21.04
CA GLY F 104 -0.08 15.89 22.17
C GLY F 104 0.14 14.91 23.28
N SER F 105 1.34 14.37 23.39
CA SER F 105 1.64 13.41 24.43
C SER F 105 2.07 14.13 25.69
N SER F 106 2.52 13.37 26.67
CA SER F 106 3.00 13.95 27.93
C SER F 106 4.19 13.12 28.40
N PRO F 107 5.38 13.44 27.91
CA PRO F 107 6.57 12.66 28.27
C PRO F 107 6.98 12.93 29.70
N PHE F 108 7.77 11.99 30.23
CA PHE F 108 8.21 11.97 31.62
C PHE F 108 7.04 12.01 32.58
N ASP F 109 6.06 11.13 32.38
CA ASP F 109 4.86 11.28 33.18
C ASP F 109 4.92 10.47 34.46
N PHE F 110 5.47 9.26 34.41
CA PHE F 110 5.49 8.40 35.57
C PHE F 110 6.93 8.04 35.91
N TRP F 111 7.31 8.28 37.14
CA TRP F 111 8.68 8.10 37.58
C TRP F 111 8.74 6.97 38.58
N GLY F 112 9.75 6.13 38.44
CA GLY F 112 9.90 4.99 39.32
C GLY F 112 10.23 5.39 40.75
N GLN F 113 10.37 4.36 41.58
CA GLN F 113 10.53 4.61 43.00
C GLN F 113 11.96 4.95 43.35
N GLY F 114 12.93 4.45 42.59
CA GLY F 114 14.27 4.92 42.78
C GLY F 114 15.13 4.08 43.68
N THR F 115 16.26 3.61 43.17
CA THR F 115 17.18 2.83 43.97
C THR F 115 18.46 3.61 44.21
N THR F 116 19.17 3.22 45.25
CA THR F 116 20.37 3.94 45.65
C THR F 116 21.60 3.19 45.23
N LEU F 117 22.56 3.90 44.69
CA LEU F 117 23.81 3.33 44.23
C LEU F 117 24.93 4.11 44.89
N THR F 118 25.68 3.46 45.77
CA THR F 118 26.66 4.15 46.60
C THR F 118 28.03 3.54 46.34
N VAL F 119 29.03 4.40 46.15
CA VAL F 119 30.37 3.97 45.79
C VAL F 119 31.28 4.15 46.99
N SER F 120 32.55 3.75 46.86
CA SER F 120 33.52 3.97 47.91
C SER F 120 34.73 4.71 47.35
N SER F 121 35.40 5.46 48.21
CA SER F 121 36.60 6.18 47.82
C SER F 121 37.85 5.41 48.25
N SER F 136 28.18 23.39 24.71
CA SER F 136 27.39 22.90 23.59
C SER F 136 25.98 22.56 24.03
N ASP F 137 25.87 22.01 25.22
CA ASP F 137 24.58 21.68 25.80
C ASP F 137 23.89 22.93 26.32
N ILE F 138 22.58 22.84 26.48
CA ILE F 138 21.81 23.97 26.97
C ILE F 138 21.82 23.93 28.49
N VAL F 139 22.01 25.06 29.11
CA VAL F 139 21.95 25.15 30.55
C VAL F 139 20.62 25.77 30.93
N MET F 140 20.17 25.46 32.14
CA MET F 140 18.93 25.99 32.68
C MET F 140 19.26 26.48 34.09
N THR F 141 19.10 27.76 34.32
CA THR F 141 19.27 28.26 35.67
C THR F 141 17.93 28.50 36.32
N GLN F 142 17.92 28.45 37.65
CA GLN F 142 16.74 28.81 38.43
C GLN F 142 17.23 29.80 39.48
N ALA F 143 16.86 31.07 39.28
CA ALA F 143 17.42 32.15 40.08
C ALA F 143 16.94 32.09 41.53
N THR F 144 15.75 31.58 41.75
CA THR F 144 15.32 31.37 43.12
C THR F 144 16.03 30.17 43.70
N SER F 145 16.07 30.11 45.03
CA SER F 145 16.48 28.94 45.78
C SER F 145 15.94 29.10 47.19
N SER F 146 15.12 28.15 47.62
CA SER F 146 14.61 28.04 49.00
C SER F 146 13.79 29.26 49.41
N VAL F 147 12.67 29.45 48.72
CA VAL F 147 11.75 30.52 49.08
C VAL F 147 10.82 30.04 50.18
N PRO F 148 10.46 30.87 51.12
CA PRO F 148 9.43 30.49 52.09
C PRO F 148 8.05 30.95 51.64
N VAL F 149 7.02 30.14 51.90
CA VAL F 149 5.68 30.45 51.43
C VAL F 149 4.66 29.86 52.40
N THR F 150 3.70 30.62 52.72
CA THR F 150 2.53 30.28 53.50
C THR F 150 1.41 29.85 52.57
N PRO F 151 0.53 28.93 52.99
CA PRO F 151 -0.56 28.47 52.11
C PRO F 151 -1.59 29.55 51.86
N GLY F 152 -1.74 29.94 50.61
CA GLY F 152 -2.68 30.97 50.25
C GLY F 152 -2.13 32.02 49.31
N GLU F 153 -0.84 32.33 49.40
CA GLU F 153 -0.25 33.36 48.55
C GLU F 153 0.15 32.78 47.21
N SER F 154 -0.22 33.47 46.14
CA SER F 154 0.09 33.02 44.78
C SER F 154 1.57 33.21 44.52
N VAL F 155 2.32 32.12 44.52
CA VAL F 155 3.77 32.16 44.35
C VAL F 155 4.08 31.74 42.92
N SER F 156 5.16 32.30 42.37
CA SER F 156 5.60 31.97 41.02
C SER F 156 7.06 31.62 41.06
N ILE F 157 7.47 30.66 40.22
CA ILE F 157 8.83 30.18 40.17
C ILE F 157 9.39 30.46 38.79
N SER F 158 10.46 31.23 38.74
CA SER F 158 11.07 31.58 37.47
C SER F 158 12.11 30.54 37.08
N CYS F 159 12.34 30.43 35.79
CA CYS F 159 13.32 29.49 35.25
C CYS F 159 13.75 30.04 33.90
N ARG F 160 14.90 30.70 33.88
CA ARG F 160 15.40 31.29 32.65
C ARG F 160 16.32 30.31 31.94
N SER F 161 16.17 30.23 30.63
CA SER F 161 17.03 29.35 29.86
C SER F 161 18.24 30.11 29.34
N SER F 162 18.97 29.48 28.43
CA SER F 162 20.06 30.11 27.72
C SER F 162 19.82 30.17 26.22
N LYS F 163 19.40 29.07 25.61
CA LYS F 163 19.00 29.10 24.22
C LYS F 163 17.53 29.45 24.12
N SER F 164 17.08 29.77 22.91
CA SER F 164 15.67 30.04 22.68
C SER F 164 14.94 28.72 22.62
N LEU F 165 14.14 28.44 23.64
CA LEU F 165 13.44 27.17 23.71
C LEU F 165 12.25 27.09 22.77
N LEU F 166 11.83 28.21 22.21
CA LEU F 166 10.77 28.18 21.21
C LEU F 166 11.32 27.64 19.92
N HIS F 167 10.82 26.49 19.49
CA HIS F 167 11.24 25.90 18.22
C HIS F 167 10.45 26.56 17.10
N SER F 168 10.59 26.03 15.89
CA SER F 168 9.94 26.60 14.72
C SER F 168 8.59 25.99 14.42
N ASN F 169 7.96 25.33 15.39
CA ASN F 169 6.62 24.81 15.20
C ASN F 169 5.73 25.17 16.37
N GLY F 170 6.05 26.25 17.07
CA GLY F 170 5.18 26.75 18.11
C GLY F 170 5.46 26.20 19.48
N ASN F 171 6.09 25.04 19.55
CA ASN F 171 6.35 24.40 20.83
C ASN F 171 7.52 25.08 21.53
N THR F 172 7.35 25.33 22.81
CA THR F 172 8.48 25.67 23.67
C THR F 172 8.65 24.47 24.60
N TYR F 173 9.60 23.61 24.28
CA TYR F 173 9.78 22.36 25.00
C TYR F 173 10.36 22.56 26.39
N LEU F 174 9.54 22.89 27.38
CA LEU F 174 10.02 23.08 28.74
C LEU F 174 9.14 22.28 29.68
N TYR F 175 9.59 21.13 30.13
CA TYR F 175 8.77 20.32 31.01
C TYR F 175 9.08 20.73 32.44
N TRP F 176 8.10 21.27 33.14
CA TRP F 176 8.30 21.53 34.56
C TRP F 176 8.15 20.24 35.34
N PHE F 177 8.47 20.26 36.62
CA PHE F 177 8.37 19.05 37.44
C PHE F 177 8.09 19.43 38.88
N LEU F 178 8.02 18.40 39.72
CA LEU F 178 7.87 18.58 41.15
C LEU F 178 8.49 17.38 41.81
N GLN F 179 8.96 17.54 43.03
CA GLN F 179 9.44 16.42 43.82
C GLN F 179 9.06 16.68 45.28
N ARG F 180 7.99 16.04 45.72
CA ARG F 180 7.66 16.07 47.12
C ARG F 180 8.74 15.35 47.92
N PRO F 181 9.04 15.81 49.14
CA PRO F 181 10.25 15.36 49.83
C PRO F 181 10.16 13.90 50.23
N GLY F 182 11.27 13.21 50.06
CA GLY F 182 11.33 11.77 50.26
C GLY F 182 10.96 11.00 49.03
N GLN F 183 9.80 11.31 48.45
CA GLN F 183 9.25 10.45 47.44
C GLN F 183 9.81 10.78 46.06
N SER F 184 9.24 10.16 45.07
CA SER F 184 9.65 10.22 43.68
C SER F 184 9.00 11.41 42.99
N PRO F 185 9.67 11.99 42.01
CA PRO F 185 9.12 13.15 41.30
C PRO F 185 7.96 12.78 40.39
N GLN F 186 7.33 13.82 39.86
CA GLN F 186 6.18 13.63 39.00
C GLN F 186 6.04 14.84 38.09
N LEU F 187 5.34 14.65 36.99
CA LEU F 187 5.15 15.72 36.03
C LEU F 187 4.18 16.73 36.59
N LEU F 188 4.40 17.99 36.26
CA LEU F 188 3.41 19.02 36.50
C LEU F 188 2.92 19.64 35.20
N ILE F 189 3.83 20.21 34.43
CA ILE F 189 3.49 20.98 33.26
C ILE F 189 4.34 20.45 32.14
N TYR F 190 3.73 19.77 31.18
CA TYR F 190 4.47 19.48 29.95
C TYR F 190 4.35 20.69 29.04
N ARG F 191 4.71 20.53 27.77
CA ARG F 191 5.54 21.46 26.99
C ARG F 191 5.50 22.91 27.43
N MET F 192 4.34 23.52 27.49
CA MET F 192 4.19 24.82 28.13
C MET F 192 2.71 25.02 28.41
N SER F 193 2.37 25.28 29.66
CA SER F 193 1.00 25.59 30.10
C SER F 193 0.02 24.48 29.81
N ASN F 194 0.48 23.26 29.63
CA ASN F 194 -0.38 22.09 29.57
C ASN F 194 -0.27 21.38 30.90
N LEU F 195 -1.39 20.89 31.40
CA LEU F 195 -1.37 20.23 32.70
C LEU F 195 -1.25 18.74 32.49
N ALA F 196 -0.55 18.08 33.39
CA ALA F 196 -0.44 16.64 33.25
C ALA F 196 -1.71 15.97 33.73
N SER F 197 -1.83 14.69 33.41
CA SER F 197 -3.03 13.92 33.76
C SER F 197 -3.02 13.67 35.26
N GLY F 198 -3.82 14.43 35.98
CA GLY F 198 -4.01 14.23 37.39
C GLY F 198 -3.43 15.29 38.28
N VAL F 199 -3.16 16.48 37.77
CA VAL F 199 -2.70 17.55 38.64
C VAL F 199 -3.83 18.56 38.73
N PRO F 200 -3.98 19.27 39.84
CA PRO F 200 -5.07 20.25 39.95
C PRO F 200 -4.80 21.47 39.08
N ASP F 201 -5.81 22.33 39.00
CA ASP F 201 -5.75 23.53 38.17
C ASP F 201 -4.99 24.67 38.82
N ARG F 202 -4.36 24.45 39.97
CA ARG F 202 -3.62 25.53 40.58
C ARG F 202 -2.32 25.81 39.86
N PHE F 203 -1.66 24.78 39.35
CA PHE F 203 -0.39 24.96 38.66
C PHE F 203 -0.63 25.40 37.23
N SER F 204 -0.05 26.54 36.84
CA SER F 204 -0.23 27.04 35.50
C SER F 204 1.01 27.79 35.07
N GLY F 205 1.61 27.38 33.97
CA GLY F 205 2.81 28.01 33.47
C GLY F 205 2.54 29.05 32.40
N SER F 206 3.52 29.92 32.20
CA SER F 206 3.45 30.91 31.14
C SER F 206 4.87 31.17 30.67
N GLY F 207 5.10 31.02 29.37
CA GLY F 207 6.43 31.05 28.80
C GLY F 207 6.69 32.30 27.98
N SER F 208 7.96 32.49 27.64
CA SER F 208 8.35 33.58 26.76
C SER F 208 9.47 33.20 25.80
N GLY F 209 9.82 31.92 25.70
CA GLY F 209 10.86 31.54 24.76
C GLY F 209 12.20 31.33 25.41
N THR F 210 12.55 32.21 26.35
CA THR F 210 13.79 32.05 27.11
C THR F 210 13.53 32.22 28.59
N ALA F 211 12.53 33.03 28.93
CA ALA F 211 12.15 33.26 30.31
C ALA F 211 10.81 32.60 30.57
N PHE F 212 10.72 31.87 31.67
CA PHE F 212 9.54 31.08 31.97
C PHE F 212 9.13 31.28 33.41
N THR F 213 7.88 30.97 33.69
CA THR F 213 7.33 31.22 35.01
C THR F 213 6.25 30.19 35.28
N LEU F 214 6.36 29.49 36.40
CA LEU F 214 5.33 28.56 36.83
C LEU F 214 4.53 29.22 37.94
N THR F 215 3.29 29.57 37.65
CA THR F 215 2.43 30.27 38.59
C THR F 215 1.54 29.28 39.32
N ILE F 216 1.61 29.29 40.64
CA ILE F 216 0.65 28.59 41.46
C ILE F 216 -0.36 29.62 41.94
N SER F 217 -1.63 29.41 41.63
CA SER F 217 -2.65 30.37 42.05
C SER F 217 -2.90 30.28 43.54
N ARG F 218 -3.38 29.14 44.01
CA ARG F 218 -3.50 28.86 45.43
C ARG F 218 -2.72 27.59 45.71
N LEU F 219 -2.16 27.49 46.91
CA LEU F 219 -1.34 26.34 47.22
C LEU F 219 -1.60 25.88 48.64
N GLU F 220 -1.39 24.60 48.85
CA GLU F 220 -1.60 23.97 50.13
C GLU F 220 -0.34 23.23 50.56
N ALA F 221 -0.44 22.46 51.64
CA ALA F 221 0.73 21.88 52.28
C ALA F 221 1.34 20.72 51.53
N GLU F 222 0.65 20.17 50.53
CA GLU F 222 1.17 19.05 49.75
C GLU F 222 2.00 19.49 48.57
N ASP F 223 2.05 20.79 48.28
CA ASP F 223 2.81 21.33 47.16
C ASP F 223 4.22 21.70 47.54
N VAL F 224 4.68 21.30 48.71
CA VAL F 224 6.03 21.60 49.15
C VAL F 224 7.00 20.70 48.41
N GLY F 225 8.21 21.17 48.26
CA GLY F 225 9.21 20.40 47.57
C GLY F 225 9.95 21.27 46.60
N VAL F 226 10.75 20.64 45.77
CA VAL F 226 11.59 21.35 44.82
C VAL F 226 10.97 21.23 43.45
N TYR F 227 11.26 22.18 42.58
CA TYR F 227 10.58 22.30 41.29
C TYR F 227 11.60 22.38 40.18
N TYR F 228 11.95 21.25 39.58
CA TYR F 228 12.91 21.23 38.51
C TYR F 228 12.24 21.61 37.20
N CYS F 229 12.83 22.55 36.49
CA CYS F 229 12.41 22.85 35.14
C CYS F 229 13.39 22.17 34.20
N MET F 230 12.88 21.49 33.20
CA MET F 230 13.71 20.69 32.34
C MET F 230 13.41 21.01 30.90
N GLN F 231 14.45 21.24 30.12
CA GLN F 231 14.22 21.46 28.71
C GLN F 231 14.16 20.15 27.98
N HIS F 232 13.73 20.20 26.74
CA HIS F 232 13.74 19.02 25.91
C HIS F 232 14.05 19.36 24.46
N LEU F 233 14.77 20.46 24.25
CA LEU F 233 14.98 20.93 22.89
C LEU F 233 15.99 20.10 22.14
N GLU F 234 17.02 19.63 22.84
CA GLU F 234 17.99 18.75 22.21
C GLU F 234 18.70 17.96 23.29
N TYR F 235 19.13 16.79 22.92
CA TYR F 235 19.85 15.97 23.88
C TYR F 235 21.31 16.41 23.95
N PRO F 236 21.90 16.51 25.14
CA PRO F 236 21.40 16.15 26.46
C PRO F 236 20.48 17.17 27.05
N LEU F 237 19.42 16.66 27.67
CA LEU F 237 18.38 17.49 28.23
C LEU F 237 18.69 17.74 29.69
N THR F 238 18.93 18.98 30.04
CA THR F 238 19.46 19.28 31.35
C THR F 238 18.39 19.88 32.23
N PHE F 239 18.22 19.31 33.41
CA PHE F 239 17.36 19.89 34.40
C PHE F 239 18.00 21.14 34.98
N GLY F 240 17.24 21.82 35.78
CA GLY F 240 17.75 22.94 36.52
C GLY F 240 18.03 22.55 37.95
N ALA F 241 18.77 23.38 38.64
CA ALA F 241 18.89 23.23 40.09
C ALA F 241 17.61 23.79 40.68
N GLY F 242 16.75 22.92 41.18
CA GLY F 242 15.40 23.33 41.50
C GLY F 242 15.30 24.20 42.73
N THR F 243 14.22 24.96 42.81
CA THR F 243 14.00 25.86 43.93
C THR F 243 13.19 25.14 45.01
N LYS F 244 13.71 25.15 46.22
CA LYS F 244 12.99 24.55 47.33
C LYS F 244 11.86 25.44 47.77
N LEU F 245 10.80 24.82 48.28
CA LEU F 245 9.68 25.53 48.88
C LEU F 245 9.55 25.07 50.32
N GLU F 246 9.42 26.03 51.25
CA GLU F 246 9.34 25.69 52.66
C GLU F 246 8.18 26.47 53.28
N LEU F 247 8.11 26.44 54.62
CA LEU F 247 6.99 27.05 55.34
C LEU F 247 7.39 28.25 56.20
C1 CLR G . 17.36 -0.04 -10.44
C2 CLR G . 16.07 -0.10 -9.63
C3 CLR G . 15.95 -1.41 -8.88
C4 CLR G . 17.15 -1.60 -7.98
C5 CLR G . 18.46 -1.52 -8.75
C6 CLR G . 19.36 -2.48 -8.64
C7 CLR G . 20.70 -2.48 -9.31
C8 CLR G . 21.06 -1.12 -9.92
C9 CLR G . 19.83 -0.51 -10.60
C10 CLR G . 18.65 -0.28 -9.61
C11 CLR G . 20.19 0.76 -11.41
C12 CLR G . 21.37 0.55 -12.37
C13 CLR G . 22.61 0.02 -11.65
C14 CLR G . 22.17 -1.29 -10.95
C15 CLR G . 23.48 -1.95 -10.53
C16 CLR G . 24.48 -1.56 -11.65
C17 CLR G . 23.76 -0.53 -12.55
C18 CLR G . 23.16 1.05 -10.66
C19 CLR G . 18.91 0.92 -8.69
C20 CLR G . 24.73 0.47 -13.20
C21 CLR G . 24.45 0.70 -14.68
C22 CLR G . 26.18 -0.01 -12.99
C23 CLR G . 27.25 1.03 -13.26
C24 CLR G . 28.57 0.43 -13.68
C25 CLR G . 29.54 1.39 -14.36
C26 CLR G . 29.16 1.62 -15.82
C27 CLR G . 30.97 0.90 -14.26
O1 CLR G . 14.74 -1.40 -8.10
#